data_3IIE
#
_entry.id   3IIE
#
_cell.length_a   121.460
_cell.length_b   121.460
_cell.length_c   86.923
_cell.angle_alpha   90.000
_cell.angle_beta   90.000
_cell.angle_gamma   120.000
#
_symmetry.space_group_name_H-M   'P 32 2 1'
#
loop_
_entity.id
_entity.type
_entity.pdbx_description
1 polymer '1-deoxy-D-xylulose 5-phosphate reductoisomerase'
2 non-polymer 'MAGNESIUM ION'
3 non-polymer 1,2-ETHANEDIOL
4 water water
#
_entity_poly.entity_id   1
_entity_poly.type   'polypeptide(L)'
_entity_poly.pdbx_seq_one_letter_code
;SNAMKQLTILGSTGSIGNSTLSVVRANPELFKVTALVAGRNVREMAQQCLEFSPRYAAMSDEHSAKSLRLLLAEQGSDTE
VYSGETAACELAALDDVDQVMAAIVGIAGLPSTLAAIRAGKQVLLANKESLITCGKLFMDEVKRSRAQLLPIDSEHNAIF
QSLPERIQRQLGYSSLNENGVSRIILTGSGGPFRETPLSQFSDVTPDQACAHPNWSMGRKISVDSATMMNKGLEYIEARW
LFNASAEQIEVVLHPQSVIHSMVRYHDGSILAQMGTPDMRTPIAHAMAYPMRVSSGVAPLDFCKVGALTFTTPDYQRYPC
LKLAIDACNAGQAATTALNAANEISVMAFLDSKIRFTDIEVINRTVVEGLLLSEPTSVEEVLVIDRKARDVAAQVIAKLN
N
;
_entity_poly.pdbx_strand_id   A,B
#
loop_
_chem_comp.id
_chem_comp.type
_chem_comp.name
_chem_comp.formula
EDO non-polymer 1,2-ETHANEDIOL 'C2 H6 O2'
MG non-polymer 'MAGNESIUM ION' 'Mg 2'
#
# COMPACT_ATOMS: atom_id res chain seq x y z
N SER A 1 -24.41 -14.70 -5.67
CA SER A 1 -24.57 -13.68 -4.60
C SER A 1 -25.94 -12.99 -4.75
N ASN A 2 -26.59 -12.73 -3.62
CA ASN A 2 -27.78 -11.86 -3.55
C ASN A 2 -27.44 -10.38 -3.58
N ALA A 3 -26.14 -10.07 -3.54
CA ALA A 3 -25.69 -8.68 -3.80
C ALA A 3 -24.78 -8.60 -4.99
N MET A 4 -25.26 -9.17 -6.08
CA MET A 4 -24.65 -8.99 -7.35
C MET A 4 -24.62 -7.53 -7.72
N LYS A 5 -23.55 -7.12 -8.40
CA LYS A 5 -23.44 -5.77 -8.89
C LYS A 5 -23.82 -5.77 -10.35
N GLN A 6 -24.67 -4.81 -10.70
CA GLN A 6 -25.09 -4.60 -12.06
C GLN A 6 -24.30 -3.48 -12.69
N LEU A 7 -23.97 -3.69 -13.95
CA LEU A 7 -23.02 -2.91 -14.66
C LEU A 7 -23.60 -2.40 -15.96
N THR A 8 -23.26 -1.15 -16.27
CA THR A 8 -23.39 -0.64 -17.61
C THR A 8 -21.97 -0.40 -18.13
N ILE A 9 -21.67 -0.98 -19.30
CA ILE A 9 -20.38 -0.71 -19.93
C ILE A 9 -20.48 0.20 -21.16
N LEU A 10 -19.88 1.38 -21.05
CA LEU A 10 -19.94 2.36 -22.15
C LEU A 10 -18.65 2.21 -22.93
N GLY A 11 -18.75 1.74 -24.16
CA GLY A 11 -17.57 1.59 -25.01
C GLY A 11 -17.20 0.16 -24.89
N SER A 12 -18.21 -0.70 -25.04
CA SER A 12 -18.03 -2.09 -24.67
C SER A 12 -17.11 -2.85 -25.62
N THR A 13 -16.97 -2.39 -26.86
CA THR A 13 -16.17 -3.18 -27.78
C THR A 13 -14.70 -2.74 -27.86
N GLY A 14 -14.27 -1.79 -27.04
CA GLY A 14 -12.85 -1.41 -27.00
C GLY A 14 -12.08 -2.43 -26.17
N SER A 15 -10.81 -2.16 -25.89
CA SER A 15 -10.03 -3.16 -25.18
C SER A 15 -10.41 -3.12 -23.69
N ILE A 16 -10.48 -1.93 -23.09
CA ILE A 16 -11.03 -1.80 -21.73
C ILE A 16 -12.42 -2.50 -21.54
N GLY A 17 -13.36 -2.30 -22.44
CA GLY A 17 -14.65 -3.00 -22.39
C GLY A 17 -14.46 -4.50 -22.37
N ASN A 18 -13.64 -5.05 -23.28
CA ASN A 18 -13.45 -6.51 -23.29
C ASN A 18 -12.78 -7.03 -22.07
N SER A 19 -11.83 -6.28 -21.50
CA SER A 19 -11.18 -6.71 -20.26
C SER A 19 -12.12 -6.66 -19.09
N THR A 20 -13.03 -5.69 -19.11
CA THR A 20 -14.08 -5.57 -18.10
C THR A 20 -14.93 -6.84 -18.16
N LEU A 21 -15.25 -7.30 -19.37
CA LEU A 21 -16.09 -8.51 -19.53
C LEU A 21 -15.37 -9.77 -19.06
N SER A 22 -14.05 -9.76 -19.25
CA SER A 22 -13.22 -10.84 -18.74
C SER A 22 -13.35 -11.01 -17.20
N VAL A 23 -13.33 -9.89 -16.48
CA VAL A 23 -13.53 -9.91 -15.07
C VAL A 23 -14.97 -10.37 -14.73
N VAL A 24 -15.96 -9.94 -15.50
CA VAL A 24 -17.33 -10.47 -15.33
C VAL A 24 -17.29 -11.96 -15.53
N ARG A 25 -16.64 -12.41 -16.61
CA ARG A 25 -16.64 -13.83 -17.01
C ARG A 25 -15.96 -14.69 -15.92
N ALA A 26 -14.99 -14.13 -15.21
CA ALA A 26 -14.33 -14.84 -14.14
C ALA A 26 -15.13 -14.83 -12.82
N ASN A 27 -16.10 -13.93 -12.68
CA ASN A 27 -16.86 -13.86 -11.44
C ASN A 27 -18.33 -13.81 -11.70
N PRO A 28 -18.85 -14.81 -12.42
CA PRO A 28 -20.22 -14.66 -12.87
C PRO A 28 -21.24 -14.58 -11.72
N GLU A 29 -20.87 -14.97 -10.52
CA GLU A 29 -21.82 -14.83 -9.41
C GLU A 29 -21.79 -13.42 -8.78
N LEU A 30 -20.81 -12.61 -9.15
CA LEU A 30 -20.66 -11.30 -8.50
C LEU A 30 -21.16 -10.16 -9.36
N PHE A 31 -21.01 -10.27 -10.68
CA PHE A 31 -21.30 -9.18 -11.62
C PHE A 31 -22.32 -9.58 -12.66
N LYS A 32 -23.26 -8.70 -12.94
CA LYS A 32 -24.20 -8.91 -14.03
C LYS A 32 -24.15 -7.71 -14.97
N VAL A 33 -24.04 -7.99 -16.27
CA VAL A 33 -24.10 -6.95 -17.28
C VAL A 33 -25.56 -6.59 -17.60
N THR A 34 -25.93 -5.36 -17.33
CA THR A 34 -27.30 -4.94 -17.58
C THR A 34 -27.42 -4.21 -18.89
N ALA A 35 -26.41 -3.44 -19.24
CA ALA A 35 -26.40 -2.72 -20.48
C ALA A 35 -24.99 -2.63 -21.09
N LEU A 36 -24.92 -2.83 -22.39
CA LEU A 36 -23.70 -2.49 -23.16
C LEU A 36 -23.93 -1.34 -24.19
N VAL A 37 -23.00 -0.38 -24.21
CA VAL A 37 -23.01 0.70 -25.22
C VAL A 37 -21.72 0.63 -26.07
N ALA A 38 -21.87 0.63 -27.40
CA ALA A 38 -20.74 0.67 -28.33
C ALA A 38 -21.08 1.60 -29.50
N GLY A 39 -20.25 1.59 -30.54
CA GLY A 39 -20.50 2.46 -31.68
C GLY A 39 -21.05 1.65 -32.84
N ARG A 40 -20.16 1.37 -33.77
CA ARG A 40 -20.50 0.83 -35.07
C ARG A 40 -20.21 -0.68 -35.22
N ASN A 41 -19.39 -1.23 -34.32
CA ASN A 41 -19.02 -2.64 -34.34
C ASN A 41 -20.15 -3.63 -34.04
N VAL A 42 -21.01 -3.88 -35.03
CA VAL A 42 -22.20 -4.73 -34.88
C VAL A 42 -21.88 -6.20 -34.53
N ARG A 43 -20.87 -6.76 -35.20
CA ARG A 43 -20.46 -8.15 -34.96
C ARG A 43 -20.00 -8.36 -33.51
N GLU A 44 -19.07 -7.53 -33.06
CA GLU A 44 -18.58 -7.64 -31.71
C GLU A 44 -19.66 -7.42 -30.67
N MET A 45 -20.43 -6.35 -30.79
CA MET A 45 -21.54 -6.13 -29.87
C MET A 45 -22.41 -7.37 -29.70
N ALA A 46 -22.70 -8.04 -30.82
CA ALA A 46 -23.56 -9.22 -30.82
C ALA A 46 -22.95 -10.40 -30.05
N GLN A 47 -21.68 -10.69 -30.33
CA GLN A 47 -21.00 -11.73 -29.55
C GLN A 47 -21.12 -11.43 -28.02
N GLN A 48 -20.91 -10.18 -27.61
CA GLN A 48 -21.04 -9.82 -26.20
C GLN A 48 -22.48 -9.94 -25.68
N CYS A 49 -23.46 -9.52 -26.48
CA CYS A 49 -24.84 -9.63 -26.07
C CYS A 49 -25.26 -11.07 -25.94
N LEU A 50 -24.87 -11.88 -26.92
CA LEU A 50 -25.19 -13.30 -26.87
C LEU A 50 -24.43 -14.01 -25.74
N GLU A 51 -23.34 -13.45 -25.22
CA GLU A 51 -22.64 -14.11 -24.11
C GLU A 51 -23.16 -13.66 -22.76
N PHE A 52 -23.38 -12.37 -22.54
CA PHE A 52 -23.72 -11.88 -21.21
C PHE A 52 -25.20 -11.52 -20.97
N SER A 53 -26.03 -11.66 -22.01
CA SER A 53 -27.48 -11.26 -22.00
C SER A 53 -27.79 -9.98 -21.23
N PRO A 54 -27.29 -8.86 -21.70
CA PRO A 54 -27.75 -7.63 -21.03
C PRO A 54 -29.23 -7.34 -21.33
N ARG A 55 -29.88 -6.56 -20.47
CA ARG A 55 -31.25 -6.14 -20.69
C ARG A 55 -31.32 -5.23 -21.95
N TYR A 56 -30.29 -4.39 -22.09
CA TYR A 56 -30.20 -3.38 -23.12
C TYR A 56 -28.81 -3.32 -23.76
N ALA A 57 -28.81 -2.91 -25.02
CA ALA A 57 -27.62 -2.49 -25.73
C ALA A 57 -27.94 -1.26 -26.60
N ALA A 58 -26.99 -0.33 -26.74
CA ALA A 58 -27.10 0.74 -27.71
C ALA A 58 -25.89 0.77 -28.65
N MET A 59 -26.16 1.15 -29.90
CA MET A 59 -25.12 1.42 -30.88
C MET A 59 -25.08 2.93 -31.10
N SER A 60 -24.20 3.43 -31.94
CA SER A 60 -24.20 4.87 -32.09
C SER A 60 -25.18 5.45 -33.14
N ASP A 61 -25.74 4.60 -34.01
CA ASP A 61 -26.77 5.02 -34.95
C ASP A 61 -27.78 3.92 -35.21
N GLU A 62 -28.80 4.24 -36.00
CA GLU A 62 -29.91 3.37 -36.22
C GLU A 62 -29.63 2.26 -37.22
N HIS A 63 -28.71 2.49 -38.14
CA HIS A 63 -28.30 1.44 -39.08
C HIS A 63 -27.62 0.35 -38.25
N SER A 64 -26.60 0.77 -37.49
CA SER A 64 -25.95 -0.11 -36.50
C SER A 64 -26.97 -0.85 -35.65
N ALA A 65 -27.84 -0.10 -34.98
CA ALA A 65 -28.80 -0.66 -34.05
C ALA A 65 -29.77 -1.63 -34.72
N LYS A 66 -30.29 -1.26 -35.90
CA LYS A 66 -31.16 -2.18 -36.65
C LYS A 66 -30.50 -3.48 -37.06
N SER A 67 -29.29 -3.45 -37.63
CA SER A 67 -28.62 -4.71 -37.98
C SER A 67 -28.23 -5.57 -36.75
N LEU A 68 -27.86 -4.92 -35.67
CA LEU A 68 -27.59 -5.64 -34.44
C LEU A 68 -28.83 -6.44 -34.01
N ARG A 69 -29.98 -5.77 -34.00
CA ARG A 69 -31.25 -6.34 -33.60
C ARG A 69 -31.60 -7.52 -34.47
N LEU A 70 -31.26 -7.45 -35.76
CA LEU A 70 -31.44 -8.59 -36.65
C LEU A 70 -30.69 -9.83 -36.19
N LEU A 71 -29.38 -9.71 -35.94
CA LEU A 71 -28.60 -10.86 -35.47
C LEU A 71 -29.07 -11.32 -34.11
N LEU A 72 -29.33 -10.38 -33.20
CA LEU A 72 -29.91 -10.72 -31.90
C LEU A 72 -31.23 -11.50 -32.04
N ALA A 73 -32.08 -11.13 -33.00
CA ALA A 73 -33.29 -11.88 -33.30
C ALA A 73 -33.04 -13.30 -33.82
N GLU A 74 -32.04 -13.47 -34.70
CA GLU A 74 -31.78 -14.78 -35.35
C GLU A 74 -31.43 -15.83 -34.30
N GLN A 75 -30.82 -15.35 -33.21
CA GLN A 75 -30.28 -16.16 -32.13
C GLN A 75 -31.13 -16.18 -30.85
N GLY A 76 -32.31 -15.55 -30.87
CA GLY A 76 -33.23 -15.61 -29.74
C GLY A 76 -32.85 -14.87 -28.46
N SER A 77 -32.21 -13.70 -28.60
CA SER A 77 -31.86 -12.85 -27.46
C SER A 77 -33.01 -11.98 -26.97
N ASP A 78 -33.03 -11.72 -25.67
CA ASP A 78 -34.02 -10.83 -25.10
C ASP A 78 -33.49 -9.40 -25.00
N THR A 79 -32.32 -9.13 -25.58
CA THR A 79 -31.71 -7.76 -25.44
C THR A 79 -32.42 -6.72 -26.31
N GLU A 80 -33.00 -5.70 -25.66
CA GLU A 80 -33.58 -4.54 -26.37
C GLU A 80 -32.50 -3.56 -26.84
N VAL A 81 -32.55 -3.17 -28.11
CA VAL A 81 -31.48 -2.35 -28.75
C VAL A 81 -31.93 -0.93 -29.02
N TYR A 82 -31.05 0.02 -28.76
CA TYR A 82 -31.32 1.44 -28.95
C TYR A 82 -30.15 2.11 -29.67
N SER A 83 -30.24 3.41 -29.92
CA SER A 83 -29.12 4.13 -30.53
C SER A 83 -29.12 5.58 -30.20
N GLY A 84 -27.97 6.22 -30.36
CA GLY A 84 -27.83 7.65 -30.14
C GLY A 84 -27.28 7.99 -28.78
N GLU A 85 -26.92 9.26 -28.62
CA GLU A 85 -26.31 9.75 -27.39
C GLU A 85 -27.30 9.60 -26.22
N THR A 86 -28.53 10.06 -26.42
CA THR A 86 -29.53 10.01 -25.36
C THR A 86 -29.67 8.60 -24.74
N ALA A 87 -29.80 7.59 -25.60
CA ALA A 87 -29.82 6.18 -25.15
C ALA A 87 -28.64 5.86 -24.20
N ALA A 88 -27.42 6.15 -24.61
CA ALA A 88 -26.27 5.83 -23.80
C ALA A 88 -26.38 6.48 -22.43
N CYS A 89 -26.88 7.72 -22.40
CA CYS A 89 -26.91 8.50 -21.16
C CYS A 89 -27.91 7.89 -20.21
N GLU A 90 -29.04 7.46 -20.77
CA GLU A 90 -30.05 6.76 -20.00
C GLU A 90 -29.56 5.40 -19.47
N LEU A 91 -28.87 4.64 -20.32
CA LEU A 91 -28.27 3.39 -19.92
C LEU A 91 -27.28 3.64 -18.78
N ALA A 92 -26.56 4.76 -18.82
CA ALA A 92 -25.64 5.10 -17.76
C ALA A 92 -26.32 5.49 -16.46
N ALA A 93 -27.65 5.62 -16.47
CA ALA A 93 -28.28 6.11 -15.30
C ALA A 93 -29.41 5.22 -14.83
N LEU A 94 -29.56 4.02 -15.40
CA LEU A 94 -30.56 3.06 -14.87
C LEU A 94 -30.50 3.03 -13.33
N ASP A 95 -31.68 2.99 -12.69
CA ASP A 95 -31.80 2.96 -11.24
C ASP A 95 -31.10 1.72 -10.66
N ASP A 96 -31.22 0.56 -11.33
CA ASP A 96 -30.71 -0.65 -10.73
C ASP A 96 -29.25 -0.92 -11.06
N VAL A 97 -28.63 -0.07 -11.85
CA VAL A 97 -27.23 -0.28 -12.17
C VAL A 97 -26.40 0.32 -11.06
N ASP A 98 -25.42 -0.41 -10.53
CA ASP A 98 -24.55 0.09 -9.47
C ASP A 98 -23.35 0.77 -9.99
N GLN A 99 -22.89 0.39 -11.19
CA GLN A 99 -21.64 0.91 -11.68
C GLN A 99 -21.54 0.93 -13.20
N VAL A 100 -20.80 1.94 -13.64
CA VAL A 100 -20.69 2.25 -15.04
C VAL A 100 -19.21 2.31 -15.39
N MET A 101 -18.85 1.48 -16.35
CA MET A 101 -17.52 1.51 -16.90
C MET A 101 -17.55 2.58 -17.99
N ALA A 102 -16.86 3.68 -17.76
CA ALA A 102 -16.96 4.83 -18.65
C ALA A 102 -15.78 4.83 -19.58
N ALA A 103 -15.88 4.08 -20.67
CA ALA A 103 -14.75 3.79 -21.51
C ALA A 103 -14.97 4.22 -22.98
N ILE A 104 -15.90 5.14 -23.22
CA ILE A 104 -16.06 5.73 -24.56
C ILE A 104 -14.92 6.75 -24.77
N VAL A 105 -14.10 6.56 -25.79
CA VAL A 105 -12.99 7.52 -25.93
C VAL A 105 -13.32 8.94 -26.56
N GLY A 106 -12.42 9.90 -26.32
CA GLY A 106 -12.49 11.21 -26.91
C GLY A 106 -13.49 12.06 -26.16
N ILE A 107 -13.71 13.26 -26.69
CA ILE A 107 -14.66 14.19 -26.14
C ILE A 107 -16.06 13.60 -26.34
N ALA A 108 -16.23 12.74 -27.36
CA ALA A 108 -17.49 12.03 -27.56
C ALA A 108 -17.95 11.31 -26.27
N GLY A 109 -17.03 11.08 -25.33
CA GLY A 109 -17.30 10.26 -24.16
C GLY A 109 -17.84 11.07 -23.00
N LEU A 110 -17.76 12.39 -23.09
CA LEU A 110 -18.19 13.25 -22.00
C LEU A 110 -19.68 13.15 -21.61
N PRO A 111 -20.61 13.15 -22.61
CA PRO A 111 -22.02 13.13 -22.19
C PRO A 111 -22.36 11.95 -21.32
N SER A 112 -22.11 10.71 -21.79
CA SER A 112 -22.42 9.51 -21.01
C SER A 112 -21.67 9.46 -19.65
N THR A 113 -20.38 9.82 -19.66
CA THR A 113 -19.61 9.84 -18.42
C THR A 113 -20.29 10.77 -17.43
N LEU A 114 -20.61 11.99 -17.86
CA LEU A 114 -21.31 12.96 -17.00
C LEU A 114 -22.71 12.47 -16.50
N ALA A 115 -23.42 11.73 -17.36
CA ALA A 115 -24.71 11.18 -17.00
C ALA A 115 -24.59 10.14 -15.85
N ALA A 116 -23.57 9.26 -15.89
CA ALA A 116 -23.27 8.29 -14.79
C ALA A 116 -22.98 9.07 -13.53
N ILE A 117 -22.03 10.00 -13.59
CA ILE A 117 -21.71 10.78 -12.41
C ILE A 117 -22.91 11.48 -11.78
N ARG A 118 -23.81 11.96 -12.63
CA ARG A 118 -24.92 12.74 -12.11
C ARG A 118 -25.94 11.86 -11.46
N ALA A 119 -25.95 10.60 -11.84
CA ALA A 119 -26.87 9.58 -11.30
C ALA A 119 -26.31 8.97 -10.02
N GLY A 120 -25.20 9.53 -9.56
CA GLY A 120 -24.57 9.13 -8.30
C GLY A 120 -23.95 7.77 -8.33
N LYS A 121 -23.64 7.24 -9.52
CA LYS A 121 -23.09 5.89 -9.66
C LYS A 121 -21.65 5.73 -9.19
N GLN A 122 -21.24 4.49 -9.11
CA GLN A 122 -19.90 4.13 -9.03
C GLN A 122 -19.39 4.26 -10.47
N VAL A 123 -18.51 5.21 -10.70
CA VAL A 123 -18.09 5.43 -12.05
C VAL A 123 -16.64 5.00 -12.27
N LEU A 124 -16.48 3.98 -13.11
CA LEU A 124 -15.13 3.47 -13.43
C LEU A 124 -14.61 4.29 -14.59
N LEU A 125 -13.67 5.19 -14.28
CA LEU A 125 -13.30 6.21 -15.21
C LEU A 125 -12.21 5.74 -16.17
N ALA A 126 -12.58 5.62 -17.43
CA ALA A 126 -11.65 5.15 -18.47
C ALA A 126 -11.76 6.04 -19.72
N ASN A 127 -11.84 7.34 -19.51
CA ASN A 127 -12.01 8.41 -20.50
C ASN A 127 -11.15 9.54 -19.94
N LYS A 128 -9.99 9.76 -20.56
CA LYS A 128 -9.10 10.85 -20.19
C LYS A 128 -9.72 12.28 -20.31
N GLU A 129 -10.41 12.49 -21.45
CA GLU A 129 -10.84 13.81 -21.86
C GLU A 129 -11.75 14.45 -20.82
N SER A 130 -12.40 13.62 -20.01
CA SER A 130 -13.33 14.08 -18.99
C SER A 130 -12.65 15.00 -17.99
N LEU A 131 -11.48 14.63 -17.54
CA LEU A 131 -10.83 15.46 -16.56
C LEU A 131 -9.86 16.46 -17.17
N ILE A 132 -9.23 16.11 -18.29
CA ILE A 132 -8.35 17.04 -18.98
C ILE A 132 -9.12 18.26 -19.48
N THR A 133 -10.33 18.06 -19.96
CA THR A 133 -11.04 19.16 -20.61
C THR A 133 -11.97 19.95 -19.70
N CYS A 134 -12.84 19.26 -18.96
CA CYS A 134 -13.61 19.99 -17.96
C CYS A 134 -13.66 19.41 -16.57
N GLY A 135 -12.46 19.41 -15.97
CA GLY A 135 -12.25 18.99 -14.62
C GLY A 135 -13.19 19.64 -13.63
N LYS A 136 -13.26 20.96 -13.66
CA LYS A 136 -14.03 21.67 -12.66
C LYS A 136 -15.44 21.23 -12.72
N LEU A 137 -15.97 21.07 -13.95
CA LEU A 137 -17.39 20.74 -14.10
C LEU A 137 -17.63 19.34 -13.58
N PHE A 138 -16.84 18.36 -14.08
CA PHE A 138 -16.94 16.96 -13.65
C PHE A 138 -16.76 16.76 -12.12
N MET A 139 -15.78 17.42 -11.54
CA MET A 139 -15.57 17.32 -10.09
C MET A 139 -16.66 17.99 -9.28
N ASP A 140 -17.14 19.17 -9.70
CA ASP A 140 -18.31 19.75 -9.01
C ASP A 140 -19.50 18.80 -9.07
N GLU A 141 -19.68 18.08 -10.18
CA GLU A 141 -20.80 17.17 -10.29
C GLU A 141 -20.64 15.91 -9.42
N VAL A 142 -19.40 15.48 -9.26
CA VAL A 142 -19.07 14.33 -8.40
C VAL A 142 -19.38 14.65 -6.95
N LYS A 143 -18.88 15.78 -6.48
CA LYS A 143 -19.17 16.24 -5.16
C LYS A 143 -20.70 16.40 -4.97
N ARG A 144 -21.37 16.93 -5.98
CA ARG A 144 -22.78 17.26 -5.83
C ARG A 144 -23.71 16.04 -5.77
N SER A 145 -23.38 14.98 -6.49
CA SER A 145 -24.21 13.77 -6.41
C SER A 145 -23.49 12.72 -5.51
N ARG A 146 -22.31 13.06 -5.02
CA ARG A 146 -21.50 12.10 -4.24
C ARG A 146 -21.15 10.85 -5.06
N ALA A 147 -20.99 10.97 -6.34
CA ALA A 147 -20.73 9.76 -7.10
C ALA A 147 -19.37 9.23 -6.62
N GLN A 148 -19.14 7.92 -6.75
CA GLN A 148 -17.84 7.41 -6.37
C GLN A 148 -17.04 7.13 -7.63
N LEU A 149 -15.90 7.79 -7.75
CA LEU A 149 -15.05 7.61 -8.90
C LEU A 149 -13.97 6.60 -8.70
N LEU A 150 -13.69 5.81 -9.73
CA LEU A 150 -12.70 4.78 -9.63
C LEU A 150 -11.78 4.79 -10.89
N PRO A 151 -10.61 5.42 -10.78
CA PRO A 151 -9.66 5.48 -11.91
C PRO A 151 -9.34 4.08 -12.40
N ILE A 152 -9.41 3.84 -13.68
CA ILE A 152 -9.10 2.54 -14.27
C ILE A 152 -7.64 2.51 -14.78
N ASP A 153 -7.16 3.62 -15.30
CA ASP A 153 -5.80 3.67 -15.78
C ASP A 153 -4.70 3.30 -14.70
N SER A 154 -3.67 2.58 -15.19
CA SER A 154 -2.59 2.04 -14.38
C SER A 154 -2.15 2.98 -13.24
N GLU A 155 -1.66 4.13 -13.63
CA GLU A 155 -1.06 5.00 -12.67
C GLU A 155 -2.15 5.57 -11.76
N HIS A 156 -3.27 6.03 -12.29
CA HIS A 156 -4.27 6.67 -11.39
C HIS A 156 -4.86 5.67 -10.44
N ASN A 157 -5.01 4.44 -10.90
CA ASN A 157 -5.42 3.30 -10.07
C ASN A 157 -4.44 2.95 -8.92
N ALA A 158 -3.16 2.83 -9.26
CA ALA A 158 -2.09 2.66 -8.30
C ALA A 158 -2.17 3.76 -7.26
N ILE A 159 -2.36 5.00 -7.65
CA ILE A 159 -2.42 6.13 -6.68
C ILE A 159 -3.65 6.08 -5.71
N PHE A 160 -4.80 5.83 -6.30
CA PHE A 160 -6.03 5.52 -5.56
C PHE A 160 -5.80 4.45 -4.52
N GLN A 161 -5.21 3.29 -4.93
CA GLN A 161 -5.01 2.19 -3.94
C GLN A 161 -4.06 2.57 -2.84
N SER A 162 -3.15 3.52 -3.10
CA SER A 162 -2.16 3.85 -2.10
C SER A 162 -2.60 5.02 -1.23
N LEU A 163 -3.87 5.44 -1.32
CA LEU A 163 -4.33 6.63 -0.54
C LEU A 163 -5.19 6.18 0.58
N PRO A 164 -5.29 7.00 1.66
CA PRO A 164 -6.16 6.65 2.76
C PRO A 164 -7.58 6.37 2.28
N GLU A 165 -8.26 5.49 3.02
N GLU A 165 -8.29 5.49 2.97
CA GLU A 165 -9.64 5.10 2.72
CA GLU A 165 -9.63 5.15 2.49
C GLU A 165 -10.57 6.32 2.61
C GLU A 165 -10.64 6.32 2.61
N ARG A 166 -10.40 7.26 3.55
CA ARG A 166 -11.28 8.48 3.67
C ARG A 166 -11.13 9.34 2.45
N ILE A 167 -9.92 9.47 1.93
CA ILE A 167 -9.74 10.08 0.63
C ILE A 167 -10.46 9.28 -0.52
N GLN A 168 -10.22 7.98 -0.62
CA GLN A 168 -10.85 7.13 -1.63
C GLN A 168 -12.40 7.30 -1.72
N ARG A 169 -13.03 7.37 -0.56
N ARG A 169 -13.04 7.41 -0.57
CA ARG A 169 -14.49 7.49 -0.45
CA ARG A 169 -14.51 7.49 -0.51
C ARG A 169 -15.04 8.86 -0.86
C ARG A 169 -15.09 8.89 -0.66
N GLN A 170 -14.20 9.89 -0.74
CA GLN A 170 -14.61 11.25 -1.13
C GLN A 170 -13.67 11.74 -2.20
N LEU A 171 -13.45 10.89 -3.21
CA LEU A 171 -12.45 11.12 -4.22
C LEU A 171 -12.74 12.36 -5.07
N GLY A 172 -11.81 13.32 -5.01
CA GLY A 172 -11.95 14.59 -5.74
C GLY A 172 -12.40 15.78 -4.90
N TYR A 173 -12.92 15.51 -3.71
CA TYR A 173 -13.46 16.60 -2.92
C TYR A 173 -13.16 16.44 -1.46
N SER A 174 -12.05 15.77 -1.16
CA SER A 174 -11.52 15.63 0.19
C SER A 174 -10.09 16.21 0.23
N SER A 175 -9.65 16.57 1.41
CA SER A 175 -8.38 17.16 1.65
C SER A 175 -7.24 16.17 1.82
N LEU A 176 -6.32 16.17 0.88
CA LEU A 176 -5.07 15.45 0.99
C LEU A 176 -4.32 15.79 2.27
N ASN A 177 -4.15 17.08 2.49
CA ASN A 177 -3.41 17.49 3.64
C ASN A 177 -3.98 16.97 4.97
N GLU A 178 -5.29 17.09 5.12
CA GLU A 178 -5.97 16.71 6.36
C GLU A 178 -5.92 15.21 6.62
N ASN A 179 -5.69 14.43 5.58
CA ASN A 179 -5.56 12.99 5.77
C ASN A 179 -4.12 12.43 5.76
N GLY A 180 -3.16 13.31 6.01
CA GLY A 180 -1.79 12.90 6.23
C GLY A 180 -1.03 12.73 4.94
N VAL A 181 -1.67 13.02 3.81
CA VAL A 181 -1.02 12.98 2.53
C VAL A 181 -0.23 14.19 2.26
N SER A 182 0.97 13.92 1.83
CA SER A 182 1.93 14.95 1.55
C SER A 182 2.12 15.11 0.04
N ARG A 183 2.27 14.02 -0.70
CA ARG A 183 2.58 14.12 -2.14
C ARG A 183 2.16 12.86 -2.92
N ILE A 184 1.56 13.05 -4.10
CA ILE A 184 1.21 11.93 -4.99
C ILE A 184 2.42 11.73 -5.92
N ILE A 185 2.88 10.52 -6.09
CA ILE A 185 4.03 10.29 -6.96
C ILE A 185 3.59 9.51 -8.19
N LEU A 186 3.54 10.23 -9.29
CA LEU A 186 3.17 9.74 -10.59
C LEU A 186 4.40 9.19 -11.31
N THR A 187 4.41 7.89 -11.56
CA THR A 187 5.54 7.29 -12.19
C THR A 187 5.27 6.97 -13.65
N GLY A 188 6.36 6.84 -14.44
CA GLY A 188 6.22 6.36 -15.79
C GLY A 188 7.57 5.92 -16.32
N SER A 189 7.53 5.24 -17.46
CA SER A 189 8.70 4.54 -17.92
C SER A 189 9.72 5.44 -18.59
N GLY A 190 9.28 6.55 -19.15
CA GLY A 190 10.17 7.43 -19.90
C GLY A 190 10.13 7.12 -21.38
N GLY A 191 9.60 5.94 -21.72
CA GLY A 191 9.38 5.53 -23.10
C GLY A 191 10.68 5.19 -23.83
N PRO A 192 10.56 4.87 -25.12
CA PRO A 192 11.64 4.25 -25.90
C PRO A 192 12.86 5.12 -26.09
N PHE A 193 12.74 6.42 -25.87
CA PHE A 193 13.89 7.31 -26.14
C PHE A 193 14.48 7.87 -24.84
N ARG A 194 14.24 7.18 -23.75
CA ARG A 194 14.79 7.58 -22.47
C ARG A 194 16.30 7.71 -22.47
N GLU A 195 16.95 6.89 -23.30
CA GLU A 195 18.40 6.80 -23.38
C GLU A 195 18.98 7.12 -24.78
N THR A 196 18.14 7.46 -25.74
CA THR A 196 18.58 8.02 -27.01
C THR A 196 19.27 9.37 -26.77
N PRO A 197 20.50 9.58 -27.32
CA PRO A 197 21.11 10.94 -27.33
C PRO A 197 20.22 12.01 -27.99
N LEU A 198 20.07 13.16 -27.31
CA LEU A 198 19.14 14.21 -27.71
C LEU A 198 19.30 14.68 -29.15
N SER A 199 20.54 14.66 -29.65
CA SER A 199 20.82 15.15 -30.96
C SER A 199 20.21 14.28 -32.06
N GLN A 200 19.76 13.09 -31.69
CA GLN A 200 19.04 12.19 -32.60
C GLN A 200 17.53 12.35 -32.60
N PHE A 201 16.99 13.11 -31.64
CA PHE A 201 15.53 13.35 -31.51
C PHE A 201 14.87 13.86 -32.82
N SER A 202 15.51 14.85 -33.45
CA SER A 202 15.00 15.46 -34.67
C SER A 202 14.86 14.45 -35.79
N ASP A 203 15.57 13.33 -35.68
CA ASP A 203 15.65 12.37 -36.78
C ASP A 203 14.79 11.12 -36.54
N VAL A 204 14.14 11.08 -35.38
CA VAL A 204 13.25 10.00 -35.01
C VAL A 204 12.13 9.85 -36.01
N THR A 205 11.92 8.62 -36.47
CA THR A 205 10.85 8.28 -37.39
C THR A 205 9.62 7.74 -36.63
N PRO A 206 8.42 7.80 -37.24
CA PRO A 206 7.17 7.26 -36.64
C PRO A 206 7.32 5.82 -36.17
N ASP A 207 8.31 5.13 -36.76
CA ASP A 207 8.61 3.75 -36.40
C ASP A 207 9.19 3.59 -35.00
N GLN A 208 10.39 4.12 -34.78
CA GLN A 208 11.01 4.11 -33.43
C GLN A 208 10.04 4.39 -32.25
N ALA A 209 8.98 5.19 -32.47
CA ALA A 209 7.83 5.24 -31.54
C ALA A 209 6.56 4.63 -32.14
N ARG A 219 -1.24 3.78 -32.36
CA ARG A 219 0.08 4.40 -32.47
C ARG A 219 0.14 5.85 -31.97
N LYS A 220 -0.97 6.56 -31.88
CA LYS A 220 -0.98 7.85 -31.21
C LYS A 220 -0.42 7.61 -29.81
N ILE A 221 -0.84 6.48 -29.22
CA ILE A 221 -0.43 5.97 -27.92
C ILE A 221 1.09 5.84 -27.75
N SER A 222 1.72 5.14 -28.69
CA SER A 222 3.18 5.02 -28.69
C SER A 222 3.78 6.40 -28.61
N VAL A 223 3.35 7.27 -29.51
CA VAL A 223 4.00 8.56 -29.65
C VAL A 223 3.86 9.37 -28.37
N ASP A 224 2.66 9.30 -27.79
CA ASP A 224 2.32 10.01 -26.57
C ASP A 224 3.19 9.71 -25.39
N SER A 225 3.60 8.45 -25.30
CA SER A 225 4.51 8.04 -24.27
C SER A 225 5.95 8.26 -24.72
N ALA A 226 6.19 8.39 -26.03
CA ALA A 226 7.53 8.73 -26.48
C ALA A 226 7.85 10.18 -26.08
N THR A 227 6.87 11.07 -26.22
CA THR A 227 7.02 12.46 -25.82
C THR A 227 6.69 12.67 -24.34
N MET A 228 6.05 11.69 -23.73
CA MET A 228 5.54 11.81 -22.36
C MET A 228 4.39 12.77 -22.22
N MET A 229 3.77 13.09 -23.36
CA MET A 229 2.48 13.80 -23.34
C MET A 229 1.47 12.97 -22.57
N ASN A 230 1.51 11.64 -22.80
CA ASN A 230 0.72 10.73 -21.96
C ASN A 230 0.78 11.09 -20.44
N LYS A 231 2.01 11.25 -19.92
CA LYS A 231 2.23 11.54 -18.51
C LYS A 231 1.74 12.94 -18.13
N GLY A 232 2.04 13.93 -18.95
CA GLY A 232 1.50 15.23 -18.66
C GLY A 232 -0.02 15.22 -18.59
N LEU A 233 -0.67 14.51 -19.53
CA LEU A 233 -2.12 14.28 -19.50
C LEU A 233 -2.54 13.58 -18.17
N GLU A 234 -1.78 12.55 -17.79
CA GLU A 234 -2.07 11.88 -16.55
C GLU A 234 -1.94 12.86 -15.36
N TYR A 235 -0.94 13.74 -15.47
CA TYR A 235 -0.67 14.76 -14.47
C TYR A 235 -1.88 15.74 -14.28
N ILE A 236 -2.34 16.30 -15.39
CA ILE A 236 -3.54 17.15 -15.34
C ILE A 236 -4.70 16.37 -14.73
N GLU A 237 -5.00 15.15 -15.22
CA GLU A 237 -6.14 14.39 -14.70
C GLU A 237 -5.96 14.12 -13.21
N ALA A 238 -4.71 13.88 -12.87
CA ALA A 238 -4.39 13.53 -11.52
C ALA A 238 -4.66 14.70 -10.56
N ARG A 239 -4.38 15.92 -11.01
CA ARG A 239 -4.68 17.10 -10.20
C ARG A 239 -6.18 17.15 -9.90
N TRP A 240 -7.02 16.86 -10.90
CA TRP A 240 -8.47 16.92 -10.66
C TRP A 240 -8.99 15.78 -9.80
N LEU A 241 -8.65 14.56 -10.23
CA LEU A 241 -9.05 13.31 -9.55
C LEU A 241 -8.80 13.29 -8.05
N PHE A 242 -7.61 13.74 -7.67
CA PHE A 242 -7.20 13.63 -6.32
C PHE A 242 -7.25 14.92 -5.55
N ASN A 243 -7.64 16.02 -6.20
CA ASN A 243 -7.75 17.32 -5.54
C ASN A 243 -6.39 17.76 -5.01
N ALA A 244 -5.38 17.62 -5.87
CA ALA A 244 -3.99 17.91 -5.54
C ALA A 244 -3.57 19.27 -6.17
N SER A 245 -2.87 20.12 -5.45
CA SER A 245 -2.22 21.26 -6.07
C SER A 245 -0.95 20.82 -6.84
N ALA A 246 -0.39 21.71 -7.66
CA ALA A 246 0.94 21.50 -8.27
C ALA A 246 2.00 21.05 -7.26
N GLU A 247 1.98 21.64 -6.06
CA GLU A 247 2.98 21.27 -5.06
C GLU A 247 2.71 19.88 -4.43
N GLN A 248 1.51 19.35 -4.61
CA GLN A 248 1.22 18.02 -4.07
C GLN A 248 1.37 16.88 -5.09
N ILE A 249 2.06 17.10 -6.20
CA ILE A 249 2.28 16.03 -7.16
C ILE A 249 3.67 16.06 -7.76
N GLU A 250 4.36 14.93 -7.77
CA GLU A 250 5.66 14.88 -8.43
C GLU A 250 5.63 13.78 -9.48
N VAL A 251 6.42 13.97 -10.53
CA VAL A 251 6.61 12.97 -11.56
C VAL A 251 7.99 12.32 -11.36
N VAL A 252 8.03 10.99 -11.36
CA VAL A 252 9.30 10.22 -11.25
C VAL A 252 9.37 9.16 -12.35
N LEU A 253 10.51 9.07 -12.99
CA LEU A 253 10.79 8.03 -13.97
C LEU A 253 11.20 6.71 -13.29
N HIS A 254 10.55 5.62 -13.71
CA HIS A 254 10.77 4.29 -13.23
C HIS A 254 10.71 3.35 -14.45
N PRO A 255 11.87 3.02 -15.03
CA PRO A 255 11.83 2.39 -16.35
C PRO A 255 11.19 1.02 -16.43
N GLN A 256 11.17 0.28 -15.33
CA GLN A 256 10.75 -1.08 -15.41
C GLN A 256 9.25 -1.17 -15.22
N SER A 257 8.63 -0.11 -14.68
CA SER A 257 7.18 -0.07 -14.49
C SER A 257 6.64 -1.26 -13.68
N VAL A 258 7.36 -1.70 -12.67
CA VAL A 258 6.83 -2.62 -11.69
C VAL A 258 5.97 -1.85 -10.65
N ILE A 259 6.51 -0.74 -10.14
CA ILE A 259 5.74 0.21 -9.34
C ILE A 259 4.85 0.98 -10.30
N HIS A 260 3.54 1.00 -10.03
CA HIS A 260 2.65 1.71 -10.92
C HIS A 260 2.42 3.12 -10.53
N SER A 261 2.65 3.44 -9.25
CA SER A 261 2.71 4.84 -8.78
C SER A 261 2.63 4.77 -7.26
N MET A 262 2.75 5.91 -6.57
CA MET A 262 2.92 5.89 -5.11
C MET A 262 2.43 7.16 -4.47
N VAL A 263 2.38 7.16 -3.13
CA VAL A 263 1.91 8.30 -2.33
C VAL A 263 2.83 8.51 -1.11
N ARG A 264 3.31 9.72 -0.93
CA ARG A 264 4.07 10.13 0.23
C ARG A 264 3.15 10.67 1.28
N TYR A 265 3.42 10.29 2.53
CA TYR A 265 2.65 10.70 3.66
C TYR A 265 3.52 11.63 4.53
N HIS A 266 2.88 12.24 5.50
CA HIS A 266 3.46 13.30 6.30
C HIS A 266 4.61 12.89 7.13
N ASP A 267 4.59 11.65 7.56
CA ASP A 267 5.68 10.99 8.29
C ASP A 267 6.88 10.57 7.37
N GLY A 268 6.77 10.79 6.07
CA GLY A 268 7.89 10.53 5.17
C GLY A 268 7.77 9.14 4.55
N SER A 269 6.80 8.37 5.03
CA SER A 269 6.56 7.02 4.57
C SER A 269 5.88 7.05 3.17
N ILE A 270 6.08 5.99 2.36
CA ILE A 270 5.54 5.95 1.00
C ILE A 270 4.74 4.67 0.84
N LEU A 271 3.60 4.75 0.19
CA LEU A 271 2.88 3.53 -0.21
C LEU A 271 2.90 3.46 -1.71
N ALA A 272 3.12 2.27 -2.25
CA ALA A 272 3.14 2.07 -3.65
C ALA A 272 2.28 0.87 -3.96
N GLN A 273 1.73 0.81 -5.16
CA GLN A 273 1.04 -0.36 -5.68
C GLN A 273 1.97 -0.87 -6.79
N MET A 274 2.17 -2.17 -6.79
CA MET A 274 2.97 -2.85 -7.79
C MET A 274 2.11 -3.92 -8.40
N GLY A 275 2.59 -4.38 -9.55
CA GLY A 275 2.00 -5.55 -10.18
C GLY A 275 2.55 -5.71 -11.58
N THR A 276 1.84 -6.51 -12.35
CA THR A 276 2.26 -6.83 -13.69
C THR A 276 1.45 -5.92 -14.62
N PRO A 277 1.81 -5.88 -15.92
CA PRO A 277 1.06 -5.01 -16.83
C PRO A 277 -0.41 -5.40 -17.12
N ASP A 278 -0.92 -6.47 -16.51
CA ASP A 278 -2.24 -6.97 -16.86
C ASP A 278 -3.38 -5.97 -16.48
N MET A 279 -4.05 -5.43 -17.49
CA MET A 279 -5.10 -4.43 -17.27
CA MET A 279 -5.23 -4.51 -17.43
C MET A 279 -6.27 -4.95 -16.38
N ARG A 280 -6.52 -6.27 -16.31
CA ARG A 280 -7.54 -6.78 -15.38
C ARG A 280 -7.29 -6.40 -13.89
N THR A 281 -6.05 -6.07 -13.55
CA THR A 281 -5.76 -5.78 -12.13
C THR A 281 -6.55 -4.52 -11.64
N PRO A 282 -6.30 -3.35 -12.27
CA PRO A 282 -7.01 -2.11 -11.91
C PRO A 282 -8.50 -2.22 -12.19
N ILE A 283 -8.86 -2.90 -13.29
CA ILE A 283 -10.29 -3.07 -13.60
C ILE A 283 -11.02 -3.86 -12.52
N ALA A 284 -10.37 -4.95 -12.03
CA ALA A 284 -11.02 -5.82 -11.04
C ALA A 284 -10.99 -5.10 -9.72
N HIS A 285 -9.90 -4.39 -9.48
CA HIS A 285 -9.87 -3.55 -8.29
C HIS A 285 -11.09 -2.60 -8.24
N ALA A 286 -11.29 -1.87 -9.34
CA ALA A 286 -12.33 -0.85 -9.42
C ALA A 286 -13.72 -1.48 -9.34
N MET A 287 -13.87 -2.62 -10.00
CA MET A 287 -15.17 -3.28 -10.07
C MET A 287 -15.58 -3.85 -8.71
N ALA A 288 -14.62 -4.46 -7.99
CA ALA A 288 -14.94 -5.10 -6.70
C ALA A 288 -15.04 -4.05 -5.60
N TYR A 289 -14.40 -2.92 -5.81
CA TYR A 289 -14.35 -1.90 -4.77
C TYR A 289 -15.68 -1.87 -3.97
N PRO A 290 -15.62 -1.97 -2.62
CA PRO A 290 -14.41 -1.98 -1.75
C PRO A 290 -13.83 -3.37 -1.47
N MET A 291 -14.45 -4.40 -2.05
CA MET A 291 -13.98 -5.79 -1.89
C MET A 291 -12.95 -6.05 -2.96
N ARG A 292 -12.41 -7.26 -3.03
CA ARG A 292 -11.49 -7.62 -4.12
C ARG A 292 -11.94 -8.91 -4.77
N VAL A 293 -11.58 -9.14 -6.03
CA VAL A 293 -11.85 -10.43 -6.64
C VAL A 293 -10.64 -10.92 -7.41
N SER A 294 -10.61 -12.22 -7.68
CA SER A 294 -9.61 -12.86 -8.53
C SER A 294 -10.07 -12.64 -9.92
N SER A 295 -9.11 -12.46 -10.81
CA SER A 295 -9.41 -12.56 -12.21
C SER A 295 -8.30 -13.07 -13.07
N GLY A 296 -7.76 -14.23 -12.75
CA GLY A 296 -6.82 -14.89 -13.66
C GLY A 296 -5.49 -14.19 -13.87
N VAL A 297 -5.17 -13.15 -13.09
CA VAL A 297 -3.89 -12.46 -13.29
C VAL A 297 -2.73 -13.18 -12.60
N ALA A 298 -1.64 -13.43 -13.34
CA ALA A 298 -0.44 -14.02 -12.80
C ALA A 298 0.17 -13.03 -11.82
N PRO A 299 0.32 -13.47 -10.57
CA PRO A 299 0.94 -12.71 -9.52
C PRO A 299 2.39 -12.34 -9.92
N LEU A 300 2.75 -11.09 -9.76
CA LEU A 300 4.10 -10.65 -10.02
C LEU A 300 5.06 -11.58 -9.32
N ASP A 301 6.07 -12.00 -10.06
CA ASP A 301 7.09 -12.87 -9.51
C ASP A 301 8.34 -12.04 -9.32
N PHE A 302 8.71 -11.86 -8.06
CA PHE A 302 9.86 -11.03 -7.67
C PHE A 302 11.25 -11.58 -8.05
N CYS A 303 11.32 -12.83 -8.48
CA CYS A 303 12.56 -13.39 -9.05
C CYS A 303 12.78 -12.98 -10.46
N LYS A 304 11.73 -12.43 -11.06
CA LYS A 304 11.75 -12.21 -12.48
C LYS A 304 11.72 -10.72 -12.75
N VAL A 305 11.57 -9.91 -11.70
CA VAL A 305 11.65 -8.48 -11.95
C VAL A 305 13.13 -8.25 -11.84
N GLY A 306 13.66 -7.28 -12.55
CA GLY A 306 15.08 -7.06 -12.37
C GLY A 306 15.27 -6.11 -11.22
N ALA A 307 16.25 -5.23 -11.39
CA ALA A 307 16.54 -4.15 -10.49
C ALA A 307 15.53 -3.06 -10.84
N LEU A 308 14.80 -2.57 -9.85
CA LEU A 308 14.01 -1.34 -10.01
C LEU A 308 14.80 -0.06 -9.73
N THR A 309 14.70 0.88 -10.67
CA THR A 309 15.51 2.09 -10.65
C THR A 309 14.58 3.29 -10.78
N PHE A 310 15.06 4.45 -10.35
CA PHE A 310 14.28 5.69 -10.35
C PHE A 310 15.06 6.91 -10.77
N THR A 311 14.34 7.86 -11.41
CA THR A 311 14.97 9.09 -11.85
C THR A 311 14.00 10.23 -12.07
N THR A 312 14.50 11.47 -12.18
CA THR A 312 13.58 12.61 -12.41
C THR A 312 13.50 12.82 -13.92
N PRO A 313 12.33 13.25 -14.43
CA PRO A 313 12.21 13.49 -15.86
C PRO A 313 13.02 14.68 -16.34
N ASP A 314 13.76 14.50 -17.42
CA ASP A 314 14.49 15.59 -18.06
C ASP A 314 13.51 16.39 -19.01
N TYR A 315 13.09 17.59 -18.61
CA TYR A 315 12.23 18.41 -19.47
C TYR A 315 12.87 18.74 -20.80
N GLN A 316 14.18 18.70 -20.86
CA GLN A 316 14.91 18.84 -22.10
C GLN A 316 14.64 17.67 -23.07
N ARG A 317 14.68 16.47 -22.50
CA ARG A 317 14.27 15.24 -23.16
C ARG A 317 12.73 15.18 -23.29
N TYR A 318 12.00 15.68 -22.28
CA TYR A 318 10.51 15.62 -22.26
C TYR A 318 9.83 17.00 -22.09
N PRO A 319 9.86 17.86 -23.13
CA PRO A 319 9.31 19.23 -22.99
C PRO A 319 7.81 19.25 -22.84
N CYS A 320 7.14 18.30 -23.50
CA CYS A 320 5.71 18.15 -23.35
C CYS A 320 5.24 18.10 -21.91
N LEU A 321 6.06 17.48 -21.06
CA LEU A 321 5.65 17.28 -19.71
C LEU A 321 5.53 18.62 -19.07
N LYS A 322 6.59 19.42 -19.28
CA LYS A 322 6.61 20.74 -18.73
C LYS A 322 5.43 21.57 -19.33
N LEU A 323 5.07 21.30 -20.58
CA LEU A 323 4.02 22.10 -21.21
C LEU A 323 2.68 21.75 -20.57
N ALA A 324 2.47 20.47 -20.34
CA ALA A 324 1.28 19.96 -19.69
C ALA A 324 1.19 20.60 -18.30
N ILE A 325 2.29 20.69 -17.58
CA ILE A 325 2.25 21.35 -16.27
C ILE A 325 1.89 22.81 -16.42
N ASP A 326 2.53 23.51 -17.38
CA ASP A 326 2.20 24.92 -17.65
C ASP A 326 0.74 25.12 -17.99
N ALA A 327 0.22 24.23 -18.82
CA ALA A 327 -1.13 24.36 -19.33
C ALA A 327 -2.08 24.25 -18.16
N CYS A 328 -1.82 23.24 -17.35
CA CYS A 328 -2.53 22.98 -16.12
C CYS A 328 -2.61 24.21 -15.23
N ASN A 329 -1.48 24.89 -15.04
CA ASN A 329 -1.47 26.10 -14.21
C ASN A 329 -2.26 27.25 -14.80
N ALA A 330 -2.33 27.28 -16.12
CA ALA A 330 -3.01 28.33 -16.85
C ALA A 330 -4.55 28.10 -16.89
N GLY A 331 -5.01 26.89 -16.61
CA GLY A 331 -6.46 26.63 -16.58
C GLY A 331 -6.95 25.67 -17.67
N GLN A 332 -8.27 25.46 -17.62
CA GLN A 332 -8.97 24.41 -18.34
C GLN A 332 -9.05 24.67 -19.84
N ALA A 333 -9.15 25.95 -20.21
CA ALA A 333 -9.05 26.31 -21.58
C ALA A 333 -7.69 25.88 -22.17
N ALA A 334 -6.60 26.15 -21.42
CA ALA A 334 -5.27 25.82 -21.89
C ALA A 334 -5.10 24.31 -22.04
N THR A 335 -5.51 23.55 -21.04
CA THR A 335 -5.34 22.07 -21.08
C THR A 335 -6.24 21.48 -22.19
N THR A 336 -7.45 22.03 -22.33
CA THR A 336 -8.31 21.60 -23.44
C THR A 336 -7.60 21.87 -24.77
N ALA A 337 -7.13 23.08 -24.93
CA ALA A 337 -6.37 23.43 -26.13
C ALA A 337 -5.17 22.50 -26.35
N LEU A 338 -4.49 22.19 -25.25
CA LEU A 338 -3.26 21.36 -25.33
C LEU A 338 -3.60 19.95 -25.84
N ASN A 339 -4.63 19.36 -25.24
CA ASN A 339 -5.09 18.07 -25.70
C ASN A 339 -5.32 18.05 -27.21
N ALA A 340 -6.14 18.97 -27.67
CA ALA A 340 -6.53 19.04 -29.07
C ALA A 340 -5.32 19.27 -30.00
N ALA A 341 -4.45 20.20 -29.62
CA ALA A 341 -3.30 20.53 -30.44
C ALA A 341 -2.48 19.26 -30.65
N ASN A 342 -2.25 18.57 -29.54
CA ASN A 342 -1.47 17.37 -29.55
C ASN A 342 -2.01 16.25 -30.49
N GLU A 343 -3.31 16.00 -30.49
CA GLU A 343 -3.89 15.09 -31.50
C GLU A 343 -3.45 15.41 -32.97
N ILE A 344 -3.58 16.68 -33.34
CA ILE A 344 -3.32 17.14 -34.68
C ILE A 344 -1.83 17.01 -34.91
N SER A 345 -1.09 17.48 -33.93
CA SER A 345 0.36 17.43 -33.93
C SER A 345 0.92 16.03 -34.16
N VAL A 346 0.43 15.05 -33.40
CA VAL A 346 0.93 13.68 -33.42
C VAL A 346 0.60 13.00 -34.74
N MET A 347 -0.64 13.14 -35.17
CA MET A 347 -1.03 12.64 -36.49
C MET A 347 -0.13 13.22 -37.57
N ALA A 348 0.17 14.51 -37.47
CA ALA A 348 1.07 15.15 -38.43
C ALA A 348 2.50 14.56 -38.38
N PHE A 349 2.92 14.08 -37.21
CA PHE A 349 4.20 13.38 -37.07
C PHE A 349 4.12 12.00 -37.68
N LEU A 350 3.02 11.32 -37.40
CA LEU A 350 2.81 9.98 -37.92
C LEU A 350 2.70 9.99 -39.46
N ASP A 351 2.10 11.04 -40.03
CA ASP A 351 1.89 11.12 -41.47
C ASP A 351 3.12 11.60 -42.24
N SER A 352 4.26 11.73 -41.57
CA SER A 352 5.52 12.15 -42.22
C SER A 352 5.43 13.59 -42.71
N LYS A 353 4.88 14.46 -41.86
CA LYS A 353 4.74 15.86 -42.21
C LYS A 353 5.55 16.77 -41.30
N ILE A 354 5.95 16.25 -40.14
CA ILE A 354 6.73 17.05 -39.17
C ILE A 354 7.75 16.22 -38.37
N ARG A 355 8.83 16.87 -37.94
CA ARG A 355 9.81 16.29 -37.02
C ARG A 355 9.16 15.89 -35.73
N PHE A 356 9.56 14.74 -35.19
CA PHE A 356 9.27 14.30 -33.82
C PHE A 356 9.42 15.46 -32.87
N THR A 357 10.50 16.17 -33.10
CA THR A 357 10.91 17.29 -32.32
C THR A 357 10.00 18.55 -32.51
N ASP A 358 9.23 18.61 -33.59
CA ASP A 358 8.19 19.66 -33.74
C ASP A 358 6.95 19.57 -32.78
N ILE A 359 6.52 18.35 -32.45
CA ILE A 359 5.29 18.12 -31.71
C ILE A 359 5.08 19.11 -30.56
N GLU A 360 6.06 19.19 -29.65
CA GLU A 360 6.00 20.19 -28.56
C GLU A 360 5.86 21.64 -29.03
N VAL A 361 6.65 22.07 -29.99
CA VAL A 361 6.62 23.49 -30.40
C VAL A 361 5.23 23.85 -31.03
N ILE A 362 4.73 23.03 -31.93
CA ILE A 362 3.36 23.09 -32.34
C ILE A 362 2.38 23.22 -31.15
N ASN A 363 2.44 22.25 -30.25
CA ASN A 363 1.60 22.29 -29.07
C ASN A 363 1.70 23.57 -28.23
N ARG A 364 2.93 24.00 -27.93
CA ARG A 364 3.09 25.19 -27.10
C ARG A 364 2.63 26.42 -27.85
N THR A 365 2.80 26.38 -29.16
CA THR A 365 2.43 27.55 -29.93
C THR A 365 0.92 27.71 -29.91
N VAL A 366 0.21 26.61 -30.06
CA VAL A 366 -1.24 26.69 -30.06
C VAL A 366 -1.69 27.09 -28.67
N VAL A 367 -1.20 26.39 -27.66
CA VAL A 367 -1.57 26.70 -26.26
C VAL A 367 -1.31 28.17 -25.95
N GLU A 368 -0.19 28.69 -26.43
CA GLU A 368 0.16 30.06 -26.13
C GLU A 368 -0.46 31.09 -27.07
N GLY A 369 -1.08 30.67 -28.14
CA GLY A 369 -1.60 31.67 -29.09
C GLY A 369 -3.08 32.01 -28.94
N LEU A 370 -3.74 31.50 -27.93
CA LEU A 370 -5.19 31.57 -27.85
C LEU A 370 -5.71 32.50 -26.76
N LEU A 371 -6.79 33.20 -27.08
CA LEU A 371 -7.51 34.04 -26.14
C LEU A 371 -8.76 33.25 -25.91
N LEU A 372 -8.81 32.52 -24.81
CA LEU A 372 -9.99 31.72 -24.53
C LEU A 372 -10.66 32.12 -23.22
N SER A 373 -11.91 31.75 -23.09
CA SER A 373 -12.55 31.82 -21.78
C SER A 373 -12.58 30.43 -21.21
N GLU A 374 -12.49 30.31 -19.88
CA GLU A 374 -12.63 29.03 -19.19
C GLU A 374 -13.96 28.37 -19.56
N PRO A 375 -13.93 27.15 -20.15
CA PRO A 375 -15.24 26.60 -20.57
C PRO A 375 -16.04 26.16 -19.34
N THR A 376 -17.34 26.17 -19.40
CA THR A 376 -18.08 25.64 -18.27
C THR A 376 -19.18 24.68 -18.66
N SER A 377 -19.03 24.04 -19.82
CA SER A 377 -19.97 23.01 -20.23
C SER A 377 -19.27 22.15 -21.23
N VAL A 378 -19.82 20.96 -21.49
CA VAL A 378 -19.27 20.14 -22.55
C VAL A 378 -19.23 20.98 -23.84
N GLU A 379 -20.31 21.72 -24.13
CA GLU A 379 -20.40 22.45 -25.39
C GLU A 379 -19.21 23.43 -25.60
N GLU A 380 -18.91 24.24 -24.60
CA GLU A 380 -17.79 25.16 -24.70
C GLU A 380 -16.44 24.46 -24.75
N VAL A 381 -16.33 23.32 -24.07
CA VAL A 381 -15.18 22.46 -24.19
C VAL A 381 -14.98 22.11 -25.65
N LEU A 382 -16.05 21.69 -26.31
CA LEU A 382 -16.00 21.36 -27.72
C LEU A 382 -15.59 22.51 -28.68
N VAL A 383 -16.08 23.70 -28.38
CA VAL A 383 -15.74 24.87 -29.16
C VAL A 383 -14.23 25.15 -29.07
N ILE A 384 -13.64 25.04 -27.87
CA ILE A 384 -12.20 25.32 -27.71
C ILE A 384 -11.43 24.24 -28.44
N ASP A 385 -12.03 23.05 -28.51
CA ASP A 385 -11.37 21.92 -29.11
C ASP A 385 -11.24 22.16 -30.59
N ARG A 386 -12.32 22.57 -31.24
CA ARG A 386 -12.28 22.83 -32.70
C ARG A 386 -11.34 23.95 -33.06
N LYS A 387 -11.54 25.09 -32.41
CA LYS A 387 -10.67 26.21 -32.59
C LYS A 387 -9.21 25.79 -32.53
N ALA A 388 -8.87 24.96 -31.54
CA ALA A 388 -7.47 24.64 -31.27
C ALA A 388 -6.93 23.65 -32.29
N ARG A 389 -7.78 22.73 -32.72
CA ARG A 389 -7.42 21.82 -33.80
C ARG A 389 -7.13 22.61 -35.04
N ASP A 390 -7.90 23.66 -35.28
CA ASP A 390 -7.71 24.39 -36.53
C ASP A 390 -6.45 25.21 -36.54
N VAL A 391 -6.23 25.93 -35.45
CA VAL A 391 -5.01 26.67 -35.29
C VAL A 391 -3.81 25.73 -35.51
N ALA A 392 -3.86 24.55 -34.88
CA ALA A 392 -2.81 23.58 -35.02
C ALA A 392 -2.58 23.26 -36.48
N ALA A 393 -3.67 23.08 -37.22
CA ALA A 393 -3.58 22.85 -38.66
C ALA A 393 -2.78 23.97 -39.32
N GLN A 394 -3.09 25.22 -38.97
CA GLN A 394 -2.38 26.34 -39.59
C GLN A 394 -0.91 26.36 -39.20
N VAL A 395 -0.63 26.29 -37.90
CA VAL A 395 0.74 26.31 -37.44
C VAL A 395 1.58 25.32 -38.26
N ILE A 396 0.97 24.19 -38.62
CA ILE A 396 1.68 23.12 -39.35
C ILE A 396 2.02 23.52 -40.76
N ALA A 397 1.08 24.20 -41.41
CA ALA A 397 1.31 24.74 -42.75
C ALA A 397 2.59 25.60 -42.82
N LYS A 398 3.00 26.20 -41.70
CA LYS A 398 4.31 26.88 -41.54
C LYS A 398 5.36 25.97 -40.89
N MET B 4 -7.13 13.90 21.59
CA MET B 4 -6.18 13.85 22.76
C MET B 4 -6.08 12.45 23.40
N LYS B 5 -5.04 11.67 23.07
CA LYS B 5 -4.82 10.32 23.66
C LYS B 5 -4.10 10.27 25.06
N GLN B 6 -4.66 9.51 26.02
CA GLN B 6 -3.94 9.15 27.25
C GLN B 6 -3.12 7.89 27.06
N LEU B 7 -1.83 7.94 27.46
CA LEU B 7 -0.94 6.79 27.28
C LEU B 7 -0.50 6.12 28.57
N THR B 8 -0.41 4.79 28.55
CA THR B 8 0.47 4.07 29.48
C THR B 8 1.64 3.46 28.67
N ILE B 9 2.86 3.72 29.12
CA ILE B 9 4.03 3.10 28.52
C ILE B 9 4.64 2.11 29.49
N LEU B 10 4.56 0.86 29.07
CA LEU B 10 5.22 -0.25 29.68
C LEU B 10 6.62 -0.48 29.05
N GLY B 11 7.64 -0.16 29.84
CA GLY B 11 9.02 -0.40 29.47
C GLY B 11 9.50 0.94 28.97
N SER B 12 9.35 1.97 29.79
CA SER B 12 9.56 3.31 29.29
C SER B 12 11.03 3.70 29.20
N THR B 13 11.94 3.05 29.93
CA THR B 13 13.34 3.53 29.97
C THR B 13 14.20 2.90 28.88
N GLY B 14 13.64 1.91 28.22
CA GLY B 14 14.37 1.32 27.13
C GLY B 14 14.23 2.13 25.84
N SER B 15 14.85 1.59 24.82
CA SER B 15 14.90 2.18 23.51
C SER B 15 13.51 2.52 22.92
N ILE B 16 12.58 1.56 22.92
CA ILE B 16 11.22 1.80 22.39
C ILE B 16 10.48 2.80 23.26
N GLY B 17 10.66 2.65 24.57
CA GLY B 17 10.13 3.63 25.54
C GLY B 17 10.49 5.07 25.20
N ASN B 18 11.79 5.31 24.96
CA ASN B 18 12.30 6.67 24.69
C ASN B 18 11.82 7.22 23.36
N SER B 19 11.75 6.35 22.36
CA SER B 19 11.19 6.75 21.08
C SER B 19 9.74 7.13 21.22
N THR B 20 8.97 6.33 21.97
CA THR B 20 7.58 6.66 22.21
C THR B 20 7.48 8.04 22.87
N LEU B 21 8.25 8.24 23.94
CA LEU B 21 8.27 9.52 24.67
C LEU B 21 8.73 10.65 23.75
N SER B 22 9.59 10.31 22.82
CA SER B 22 10.04 11.30 21.87
C SER B 22 8.87 11.82 21.00
N VAL B 23 7.99 10.92 20.53
CA VAL B 23 6.84 11.32 19.74
C VAL B 23 5.94 12.23 20.59
N VAL B 24 5.69 11.83 21.84
CA VAL B 24 4.87 12.63 22.76
C VAL B 24 5.45 14.02 22.90
N ARG B 25 6.78 14.09 23.10
CA ARG B 25 7.47 15.37 23.29
C ARG B 25 7.26 16.32 22.09
N ALA B 26 7.34 15.75 20.88
CA ALA B 26 7.03 16.47 19.63
C ALA B 26 5.52 16.72 19.37
N ASN B 27 4.60 16.05 20.08
CA ASN B 27 3.19 16.26 19.84
C ASN B 27 2.32 16.37 21.08
N PRO B 28 2.66 17.33 21.96
CA PRO B 28 2.05 17.53 23.27
C PRO B 28 0.55 17.72 23.29
N GLU B 29 0.00 18.26 22.22
CA GLU B 29 -1.44 18.50 22.14
CA GLU B 29 -1.43 18.51 22.16
C GLU B 29 -2.18 17.25 21.74
N LEU B 30 -1.43 16.23 21.25
CA LEU B 30 -2.00 14.97 20.79
C LEU B 30 -1.97 13.85 21.85
N PHE B 31 -0.91 13.88 22.68
CA PHE B 31 -0.58 12.76 23.60
C PHE B 31 -0.31 13.23 25.02
N LYS B 32 -0.98 12.60 25.99
CA LYS B 32 -0.77 12.81 27.42
C LYS B 32 -0.30 11.50 28.01
N VAL B 33 0.79 11.54 28.78
CA VAL B 33 1.26 10.36 29.50
C VAL B 33 0.56 10.25 30.85
N THR B 34 -0.23 9.18 31.01
CA THR B 34 -0.92 8.95 32.29
C THR B 34 -0.08 8.11 33.24
N ALA B 35 0.61 7.14 32.68
CA ALA B 35 1.33 6.17 33.48
C ALA B 35 2.64 5.73 32.83
N LEU B 36 3.72 5.66 33.62
CA LEU B 36 4.93 5.00 33.12
C LEU B 36 5.33 3.77 33.95
N VAL B 37 5.78 2.73 33.26
CA VAL B 37 6.27 1.53 33.93
C VAL B 37 7.65 1.17 33.40
N ALA B 38 8.57 1.03 34.35
CA ALA B 38 9.98 0.65 34.10
C ALA B 38 10.51 -0.48 35.03
N GLY B 39 11.81 -0.82 34.89
CA GLY B 39 12.44 -1.83 35.71
C GLY B 39 13.08 -1.19 36.94
N ARG B 40 14.40 -1.01 36.92
CA ARG B 40 15.15 -0.51 38.06
C ARG B 40 15.96 0.73 37.74
N ASN B 41 15.85 1.24 36.52
CA ASN B 41 16.62 2.44 36.15
C ASN B 41 15.98 3.67 36.77
N VAL B 42 16.28 3.90 38.06
CA VAL B 42 15.65 4.99 38.80
C VAL B 42 16.00 6.34 38.14
N ARG B 43 17.27 6.52 37.75
CA ARG B 43 17.72 7.84 37.34
C ARG B 43 16.96 8.28 36.13
N GLU B 44 16.81 7.39 35.16
CA GLU B 44 16.13 7.71 33.92
CA GLU B 44 16.14 7.79 33.95
C GLU B 44 14.63 7.82 34.16
N MET B 45 14.07 6.95 34.98
CA MET B 45 12.61 7.04 35.20
C MET B 45 12.24 8.38 35.88
N ALA B 46 13.12 8.89 36.76
CA ALA B 46 12.80 10.13 37.48
C ALA B 46 12.72 11.25 36.45
N GLN B 47 13.68 11.21 35.53
CA GLN B 47 13.78 12.24 34.53
C GLN B 47 12.53 12.26 33.62
N GLN B 48 12.03 11.08 33.26
CA GLN B 48 10.83 10.97 32.48
C GLN B 48 9.57 11.40 33.28
N CYS B 49 9.53 11.14 34.59
CA CYS B 49 8.33 11.52 35.36
C CYS B 49 8.26 13.02 35.54
N LEU B 50 9.43 13.59 35.73
CA LEU B 50 9.55 15.03 35.83
C LEU B 50 9.25 15.76 34.54
N GLU B 51 9.61 15.18 33.38
CA GLU B 51 9.26 15.80 32.10
C GLU B 51 7.79 15.62 31.70
N PHE B 52 7.24 14.42 31.86
CA PHE B 52 5.91 14.11 31.25
C PHE B 52 4.77 14.06 32.24
N SER B 53 5.07 14.33 33.52
CA SER B 53 4.06 14.38 34.61
C SER B 53 3.00 13.31 34.58
N PRO B 54 3.42 12.04 34.63
CA PRO B 54 2.36 11.03 34.63
C PRO B 54 1.67 11.01 35.97
N ARG B 55 0.45 10.57 35.98
CA ARG B 55 -0.31 10.40 37.20
C ARG B 55 0.29 9.25 38.01
N TYR B 56 0.78 8.23 37.31
CA TYR B 56 1.30 7.04 37.96
C TYR B 56 2.64 6.64 37.41
N ALA B 57 3.42 5.97 38.25
CA ALA B 57 4.66 5.29 37.85
C ALA B 57 4.83 3.97 38.63
N ALA B 58 5.38 2.95 37.98
CA ALA B 58 5.63 1.66 38.62
C ALA B 58 7.05 1.24 38.26
N MET B 59 7.81 0.81 39.27
CA MET B 59 9.16 0.22 39.02
C MET B 59 9.00 -1.30 39.13
N SER B 60 10.07 -2.05 38.85
CA SER B 60 9.93 -3.53 38.96
C SER B 60 9.98 -4.06 40.40
N ASP B 61 10.55 -3.29 41.33
CA ASP B 61 10.64 -3.73 42.70
C ASP B 61 10.41 -2.59 43.71
N GLU B 62 10.15 -2.94 44.97
CA GLU B 62 9.93 -1.94 46.05
C GLU B 62 11.07 -0.96 46.31
N HIS B 63 12.31 -1.47 46.21
CA HIS B 63 13.51 -0.67 46.53
C HIS B 63 13.71 0.41 45.47
N SER B 64 13.61 0.03 44.20
CA SER B 64 13.53 1.01 43.13
C SER B 64 12.39 2.05 43.30
N ALA B 65 11.19 1.59 43.67
CA ALA B 65 10.02 2.49 43.86
C ALA B 65 10.32 3.51 44.97
N LYS B 66 10.99 3.07 46.01
CA LYS B 66 11.22 3.95 47.13
C LYS B 66 12.22 5.00 46.76
N SER B 67 13.20 4.67 45.89
CA SER B 67 14.20 5.68 45.53
C SER B 67 13.58 6.69 44.61
N LEU B 68 12.75 6.20 43.70
CA LEU B 68 11.94 7.03 42.82
C LEU B 68 11.01 7.94 43.65
N ARG B 69 10.22 7.36 44.53
CA ARG B 69 9.37 8.20 45.36
C ARG B 69 10.19 9.36 46.00
N LEU B 70 11.42 9.06 46.42
CA LEU B 70 12.23 10.11 47.04
C LEU B 70 12.58 11.20 46.02
N LEU B 71 13.08 10.76 44.88
CA LEU B 71 13.46 11.70 43.86
C LEU B 71 12.28 12.64 43.49
N LEU B 72 11.09 12.06 43.29
CA LEU B 72 9.92 12.84 42.89
C LEU B 72 9.47 13.80 44.00
N ALA B 73 9.54 13.35 45.23
CA ALA B 73 9.05 14.13 46.38
C ALA B 73 9.94 15.32 46.59
N GLU B 74 11.23 15.17 46.27
CA GLU B 74 12.18 16.32 46.33
C GLU B 74 11.76 17.40 45.34
N GLN B 75 11.09 17.01 44.24
CA GLN B 75 10.70 18.00 43.25
C GLN B 75 9.25 18.36 43.42
N GLY B 76 8.63 17.91 44.50
CA GLY B 76 7.20 18.19 44.73
C GLY B 76 6.30 17.66 43.62
N SER B 77 6.66 16.52 43.04
CA SER B 77 5.86 15.96 41.96
C SER B 77 4.54 15.38 42.48
N ASP B 78 3.51 15.38 41.63
CA ASP B 78 2.24 14.72 41.98
C ASP B 78 2.22 13.21 41.74
N THR B 79 3.17 12.71 40.96
CA THR B 79 3.15 11.29 40.53
C THR B 79 3.09 10.23 41.66
N GLU B 80 2.14 9.32 41.58
CA GLU B 80 2.09 8.21 42.53
C GLU B 80 2.93 7.05 42.01
N VAL B 81 3.75 6.49 42.90
CA VAL B 81 4.69 5.41 42.56
C VAL B 81 4.32 4.02 43.16
N TYR B 82 4.34 3.01 42.30
CA TYR B 82 4.09 1.64 42.70
C TYR B 82 5.26 0.75 42.26
N SER B 83 5.14 -0.55 42.57
CA SER B 83 6.04 -1.59 42.04
C SER B 83 5.33 -2.92 41.95
N GLY B 84 5.91 -3.77 41.10
CA GLY B 84 5.51 -5.15 40.98
C GLY B 84 4.62 -5.39 39.79
N GLU B 85 4.51 -6.65 39.44
CA GLU B 85 3.80 -7.08 38.24
C GLU B 85 2.30 -6.69 38.30
N THR B 86 1.61 -6.97 39.41
CA THR B 86 0.20 -6.55 39.54
C THR B 86 -0.03 -5.04 39.26
N ALA B 87 0.82 -4.17 39.84
CA ALA B 87 0.79 -2.72 39.58
C ALA B 87 0.92 -2.46 38.10
N ALA B 88 1.90 -3.06 37.44
CA ALA B 88 2.07 -2.83 36.02
C ALA B 88 0.80 -3.21 35.21
N CYS B 89 0.21 -4.34 35.53
CA CYS B 89 -1.04 -4.76 34.91
C CYS B 89 -2.17 -3.78 35.15
N GLU B 90 -2.26 -3.26 36.36
CA GLU B 90 -3.29 -2.29 36.68
C GLU B 90 -3.11 -1.02 35.86
N LEU B 91 -1.86 -0.55 35.74
CA LEU B 91 -1.64 0.67 35.00
C LEU B 91 -1.95 0.43 33.50
N ALA B 92 -1.78 -0.82 33.04
CA ALA B 92 -2.11 -1.18 31.65
C ALA B 92 -3.63 -1.26 31.43
N ALA B 93 -4.42 -1.20 32.48
CA ALA B 93 -5.87 -1.40 32.36
C ALA B 93 -6.68 -0.22 32.83
N LEU B 94 -6.03 0.89 33.18
CA LEU B 94 -6.77 2.01 33.73
C LEU B 94 -7.88 2.44 32.79
N ASP B 95 -9.04 2.79 33.35
CA ASP B 95 -10.17 3.31 32.59
C ASP B 95 -9.85 4.40 31.63
N ASP B 96 -9.22 5.46 32.11
CA ASP B 96 -9.12 6.68 31.30
C ASP B 96 -8.05 6.55 30.20
N VAL B 97 -7.38 5.41 30.12
CA VAL B 97 -6.26 5.28 29.21
C VAL B 97 -6.72 4.74 27.87
N ASP B 98 -6.31 5.37 26.78
CA ASP B 98 -6.74 4.98 25.44
C ASP B 98 -5.72 4.07 24.78
N GLN B 99 -4.45 4.33 25.06
CA GLN B 99 -3.38 3.70 24.32
C GLN B 99 -2.30 3.16 25.26
N VAL B 100 -1.92 1.90 25.07
CA VAL B 100 -0.88 1.27 25.90
C VAL B 100 0.29 0.84 25.04
N MET B 101 1.49 1.35 25.33
CA MET B 101 2.68 0.86 24.60
C MET B 101 3.21 -0.38 25.37
N ALA B 102 3.02 -1.57 24.82
CA ALA B 102 3.48 -2.82 25.49
C ALA B 102 4.90 -3.15 25.05
N ALA B 103 5.87 -2.60 25.77
CA ALA B 103 7.27 -2.74 25.36
C ALA B 103 8.16 -3.34 26.44
N ILE B 104 7.60 -3.95 27.48
CA ILE B 104 8.44 -4.75 28.39
C ILE B 104 8.96 -6.00 27.63
N VAL B 105 10.28 -6.19 27.61
CA VAL B 105 10.79 -7.24 26.77
C VAL B 105 10.74 -8.59 27.46
N GLY B 106 10.81 -9.65 26.65
CA GLY B 106 10.94 -11.02 27.14
C GLY B 106 9.60 -11.53 27.59
N ILE B 107 9.61 -12.78 28.07
CA ILE B 107 8.43 -13.45 28.61
C ILE B 107 7.81 -12.71 29.81
N ALA B 108 8.66 -11.98 30.55
CA ALA B 108 8.23 -11.10 31.63
C ALA B 108 7.28 -10.01 31.14
N GLY B 109 7.29 -9.72 29.82
CA GLY B 109 6.38 -8.74 29.27
C GLY B 109 4.96 -9.26 29.08
N LEU B 110 4.79 -10.58 29.07
CA LEU B 110 3.44 -11.13 28.79
C LEU B 110 2.34 -10.63 29.73
N PRO B 111 2.56 -10.67 31.07
CA PRO B 111 1.34 -10.40 31.87
C PRO B 111 0.80 -9.01 31.67
N SER B 112 1.66 -7.97 31.60
CA SER B 112 1.13 -6.61 31.41
C SER B 112 0.51 -6.41 30.03
N THR B 113 1.11 -7.03 29.02
CA THR B 113 0.63 -6.94 27.64
C THR B 113 -0.79 -7.50 27.64
N LEU B 114 -0.95 -8.62 28.31
CA LEU B 114 -2.17 -9.37 28.24
C LEU B 114 -3.24 -8.62 29.02
N ALA B 115 -2.83 -7.88 30.04
CA ALA B 115 -3.78 -7.04 30.82
C ALA B 115 -4.23 -5.87 30.01
N ALA B 116 -3.32 -5.29 29.21
CA ALA B 116 -3.77 -4.21 28.32
C ALA B 116 -4.77 -4.79 27.31
N ILE B 117 -4.43 -5.90 26.67
CA ILE B 117 -5.35 -6.56 25.75
C ILE B 117 -6.71 -6.88 26.40
N ARG B 118 -6.67 -7.38 27.61
CA ARG B 118 -7.92 -7.74 28.27
C ARG B 118 -8.73 -6.51 28.62
N ALA B 119 -8.13 -5.34 28.69
CA ALA B 119 -8.94 -4.14 28.97
C ALA B 119 -9.55 -3.42 27.72
N GLY B 120 -9.48 -4.02 26.54
CA GLY B 120 -10.03 -3.40 25.31
C GLY B 120 -9.20 -2.27 24.69
N LYS B 121 -8.04 -1.99 25.28
CA LYS B 121 -7.18 -0.87 24.86
C LYS B 121 -6.67 -1.03 23.44
N GLN B 122 -6.39 0.11 22.81
CA GLN B 122 -5.48 0.15 21.70
C GLN B 122 -4.11 -0.27 22.28
N VAL B 123 -3.57 -1.38 21.78
CA VAL B 123 -2.28 -1.81 22.26
C VAL B 123 -1.22 -1.75 21.15
N LEU B 124 -0.11 -1.09 21.44
CA LEU B 124 0.99 -0.95 20.51
C LEU B 124 1.96 -2.03 20.91
N LEU B 125 2.13 -3.04 20.04
CA LEU B 125 2.82 -4.28 20.40
C LEU B 125 4.33 -4.21 20.14
N ALA B 126 5.12 -4.19 21.21
CA ALA B 126 6.54 -4.07 21.05
C ALA B 126 7.17 -5.30 21.67
N ASN B 127 6.39 -6.07 22.43
CA ASN B 127 6.84 -7.32 23.01
C ASN B 127 6.65 -8.44 21.98
N LYS B 128 7.71 -9.14 21.63
CA LYS B 128 7.61 -10.16 20.60
C LYS B 128 7.26 -11.55 21.16
N GLU B 129 7.61 -11.83 22.41
CA GLU B 129 7.40 -13.21 22.96
C GLU B 129 5.93 -13.57 23.12
N SER B 130 5.10 -12.53 23.28
CA SER B 130 3.68 -12.73 23.43
C SER B 130 3.15 -13.63 22.31
N LEU B 131 3.60 -13.33 21.10
CA LEU B 131 3.02 -13.96 19.97
C LEU B 131 3.84 -15.17 19.53
N ILE B 132 5.16 -15.11 19.70
CA ILE B 132 6.02 -16.27 19.53
C ILE B 132 5.66 -17.51 20.43
N THR B 133 5.11 -17.27 21.63
CA THR B 133 4.98 -18.33 22.59
C THR B 133 3.52 -18.67 22.94
N CYS B 134 2.63 -17.71 22.97
CA CYS B 134 1.22 -18.08 23.21
C CYS B 134 0.33 -17.13 22.43
N GLY B 135 0.53 -17.20 21.12
CA GLY B 135 -0.23 -16.48 20.15
C GLY B 135 -1.69 -16.84 20.32
N LYS B 136 -2.03 -18.10 20.49
CA LYS B 136 -3.44 -18.42 20.51
C LYS B 136 -4.13 -17.73 21.68
N LEU B 137 -3.47 -17.70 22.84
CA LEU B 137 -4.09 -17.09 24.00
C LEU B 137 -4.25 -15.60 23.76
N PHE B 138 -3.18 -14.97 23.29
CA PHE B 138 -3.22 -13.55 23.01
C PHE B 138 -4.26 -13.13 21.94
N MET B 139 -4.32 -13.83 20.83
CA MET B 139 -5.24 -13.43 19.78
C MET B 139 -6.68 -13.81 20.15
N ASP B 140 -6.88 -14.87 20.89
CA ASP B 140 -8.23 -15.09 21.46
C ASP B 140 -8.67 -14.00 22.42
N GLU B 141 -7.75 -13.52 23.25
CA GLU B 141 -8.10 -12.41 24.15
C GLU B 141 -8.42 -11.14 23.34
N VAL B 142 -7.63 -10.90 22.28
CA VAL B 142 -7.92 -9.81 21.34
C VAL B 142 -9.36 -9.85 20.81
N LYS B 143 -9.78 -10.98 20.26
CA LYS B 143 -11.11 -11.09 19.72
C LYS B 143 -12.12 -10.89 20.83
N ARG B 144 -11.86 -11.49 21.97
CA ARG B 144 -12.76 -11.36 23.10
C ARG B 144 -13.05 -9.91 23.47
N SER B 145 -11.98 -9.14 23.69
CA SER B 145 -12.13 -7.74 24.11
CA SER B 145 -12.07 -7.72 24.11
C SER B 145 -12.26 -6.74 22.94
N ARG B 146 -12.00 -7.18 21.70
CA ARG B 146 -12.02 -6.25 20.53
C ARG B 146 -10.80 -5.28 20.66
N ALA B 147 -9.78 -5.65 21.44
CA ALA B 147 -8.65 -4.74 21.62
C ALA B 147 -8.08 -4.46 20.25
N GLN B 148 -7.45 -3.30 20.09
CA GLN B 148 -6.85 -2.98 18.80
CA GLN B 148 -6.87 -2.94 18.83
C GLN B 148 -5.33 -3.05 18.88
N LEU B 149 -4.79 -4.02 18.16
CA LEU B 149 -3.35 -4.21 18.09
C LEU B 149 -2.77 -3.39 16.97
N LEU B 150 -1.62 -2.78 17.26
CA LEU B 150 -0.85 -2.12 16.23
C LEU B 150 0.65 -2.44 16.36
N PRO B 151 1.21 -3.12 15.35
CA PRO B 151 2.60 -3.50 15.41
C PRO B 151 3.46 -2.27 15.30
N ILE B 152 4.53 -2.17 16.08
CA ILE B 152 5.49 -1.08 15.93
C ILE B 152 6.82 -1.52 15.27
N ASP B 153 7.07 -2.82 15.13
CA ASP B 153 8.33 -3.19 14.46
C ASP B 153 8.16 -2.89 12.98
N SER B 154 9.25 -2.49 12.29
CA SER B 154 9.12 -1.98 10.93
C SER B 154 8.39 -2.89 9.93
N GLU B 155 8.69 -4.18 9.90
CA GLU B 155 8.01 -5.08 8.93
C GLU B 155 6.50 -5.26 9.19
N HIS B 156 6.13 -5.53 10.41
CA HIS B 156 4.74 -5.76 10.81
C HIS B 156 3.97 -4.48 10.58
N ASN B 157 4.64 -3.36 10.81
CA ASN B 157 4.04 -2.06 10.67
C ASN B 157 3.81 -1.71 9.20
N ALA B 158 4.71 -2.16 8.31
CA ALA B 158 4.55 -2.03 6.89
C ALA B 158 3.46 -2.94 6.32
N ILE B 159 3.41 -4.17 6.74
CA ILE B 159 2.24 -5.02 6.39
C ILE B 159 0.95 -4.35 6.85
N PHE B 160 0.93 -3.85 8.08
CA PHE B 160 -0.30 -3.19 8.60
C PHE B 160 -0.76 -2.06 7.67
N GLN B 161 0.18 -1.22 7.24
CA GLN B 161 -0.14 -0.08 6.38
C GLN B 161 -0.53 -0.51 4.98
N SER B 162 -0.11 -1.72 4.59
CA SER B 162 -0.39 -2.22 3.25
C SER B 162 -1.69 -3.02 3.25
N LEU B 163 -2.39 -3.03 4.37
CA LEU B 163 -3.67 -3.69 4.47
C LEU B 163 -4.90 -2.78 4.48
N PRO B 164 -6.07 -3.34 4.09
CA PRO B 164 -7.27 -2.55 4.09
C PRO B 164 -7.69 -2.12 5.51
N GLU B 165 -8.38 -1.00 5.63
CA GLU B 165 -8.80 -0.44 6.92
C GLU B 165 -9.59 -1.48 7.70
N ARG B 166 -10.50 -2.14 6.98
CA ARG B 166 -11.32 -3.25 7.41
C ARG B 166 -10.53 -4.30 8.23
N ILE B 167 -9.34 -4.67 7.72
CA ILE B 167 -8.46 -5.57 8.44
C ILE B 167 -7.64 -4.83 9.52
N GLN B 168 -7.21 -3.61 9.21
CA GLN B 168 -6.44 -2.84 10.17
C GLN B 168 -7.21 -2.60 11.46
N ARG B 169 -8.54 -2.52 11.35
CA ARG B 169 -9.33 -2.21 12.51
C ARG B 169 -9.89 -3.50 13.09
N GLN B 170 -9.52 -4.63 12.51
CA GLN B 170 -9.98 -5.86 13.09
C GLN B 170 -8.80 -6.81 13.18
N LEU B 171 -7.67 -6.26 13.65
CA LEU B 171 -6.35 -6.90 13.56
C LEU B 171 -6.33 -8.27 14.20
N GLY B 172 -6.03 -9.24 13.35
CA GLY B 172 -5.83 -10.61 13.76
C GLY B 172 -7.09 -11.38 14.18
N TYR B 173 -8.25 -10.80 13.99
CA TYR B 173 -9.43 -11.61 14.16
C TYR B 173 -10.42 -11.53 12.98
N SER B 174 -9.99 -10.94 11.86
CA SER B 174 -10.79 -10.88 10.65
C SER B 174 -10.11 -11.78 9.64
N SER B 175 -10.85 -12.15 8.59
CA SER B 175 -10.38 -13.12 7.64
C SER B 175 -9.64 -12.33 6.60
N LEU B 176 -8.36 -12.65 6.37
CA LEU B 176 -7.62 -12.09 5.25
C LEU B 176 -8.34 -12.33 3.96
N ASN B 177 -8.76 -13.58 3.76
CA ASN B 177 -9.22 -13.98 2.46
C ASN B 177 -10.54 -13.29 2.08
N GLU B 178 -11.46 -13.21 3.05
CA GLU B 178 -12.78 -12.64 2.83
C GLU B 178 -12.61 -11.17 2.54
N ASN B 179 -11.59 -10.57 3.10
CA ASN B 179 -11.31 -9.17 2.85
C ASN B 179 -10.34 -8.84 1.71
N GLY B 180 -10.12 -9.83 0.85
CA GLY B 180 -9.45 -9.57 -0.40
C GLY B 180 -7.98 -9.83 -0.43
N VAL B 181 -7.42 -10.24 0.72
CA VAL B 181 -5.98 -10.50 0.85
C VAL B 181 -5.62 -11.92 0.46
N SER B 182 -4.64 -12.00 -0.41
CA SER B 182 -4.19 -13.26 -0.93
C SER B 182 -2.97 -13.77 -0.16
N ARG B 183 -2.02 -12.88 0.14
CA ARG B 183 -0.78 -13.31 0.79
C ARG B 183 0.00 -12.10 1.33
N ILE B 184 0.60 -12.24 2.50
CA ILE B 184 1.43 -11.18 3.11
C ILE B 184 2.88 -11.40 2.63
N ILE B 185 3.60 -10.32 2.30
CA ILE B 185 4.97 -10.51 1.89
C ILE B 185 5.90 -9.91 2.92
N LEU B 186 6.47 -10.78 3.75
CA LEU B 186 7.38 -10.34 4.73
C LEU B 186 8.78 -10.24 4.13
N THR B 187 9.41 -9.08 4.17
CA THR B 187 10.68 -8.87 3.50
C THR B 187 11.84 -8.77 4.51
N GLY B 188 13.07 -9.04 4.07
CA GLY B 188 14.21 -8.61 4.86
C GLY B 188 15.49 -8.63 4.04
N SER B 189 16.58 -8.11 4.62
CA SER B 189 17.81 -7.92 3.85
C SER B 189 18.59 -9.20 3.52
N GLY B 190 18.41 -10.23 4.35
CA GLY B 190 19.19 -11.43 4.26
C GLY B 190 20.48 -11.42 5.08
N GLY B 191 20.81 -10.32 5.77
CA GLY B 191 21.91 -10.30 6.74
C GLY B 191 23.22 -10.10 6.00
N PRO B 192 24.36 -10.05 6.71
CA PRO B 192 25.67 -9.89 6.05
C PRO B 192 26.13 -11.10 5.21
N PHE B 193 25.48 -12.25 5.30
CA PHE B 193 26.00 -13.43 4.61
C PHE B 193 25.15 -13.82 3.40
N ARG B 194 24.38 -12.85 2.91
CA ARG B 194 23.49 -13.10 1.81
C ARG B 194 24.26 -13.60 0.58
N GLU B 195 25.49 -13.17 0.40
CA GLU B 195 26.27 -13.59 -0.76
C GLU B 195 27.54 -14.38 -0.46
N THR B 196 27.73 -14.75 0.79
CA THR B 196 28.88 -15.53 1.18
C THR B 196 28.74 -16.95 0.59
N PRO B 197 29.84 -17.46 0.01
CA PRO B 197 29.87 -18.87 -0.47
C PRO B 197 29.52 -19.77 0.71
N LEU B 198 28.68 -20.77 0.43
CA LEU B 198 28.12 -21.62 1.47
C LEU B 198 29.24 -22.28 2.23
N SER B 199 30.32 -22.55 1.53
CA SER B 199 31.41 -23.29 2.12
C SER B 199 32.05 -22.45 3.22
N GLN B 200 31.77 -21.17 3.24
CA GLN B 200 32.44 -20.33 4.23
C GLN B 200 31.66 -20.22 5.51
N PHE B 201 30.47 -20.85 5.55
CA PHE B 201 29.56 -20.62 6.67
C PHE B 201 30.10 -21.26 7.95
N SER B 202 30.65 -22.46 7.79
CA SER B 202 31.21 -23.21 8.89
C SER B 202 32.33 -22.43 9.57
N ASP B 203 32.93 -21.46 8.85
CA ASP B 203 34.03 -20.70 9.44
C ASP B 203 33.68 -19.33 9.99
N VAL B 204 32.40 -18.94 9.89
CA VAL B 204 31.95 -17.63 10.38
C VAL B 204 32.23 -17.54 11.86
N THR B 205 32.83 -16.44 12.29
CA THR B 205 33.24 -16.27 13.67
C THR B 205 32.29 -15.27 14.28
N PRO B 206 32.33 -15.09 15.62
CA PRO B 206 31.51 -14.03 16.22
C PRO B 206 31.87 -12.62 15.74
N ASP B 207 33.15 -12.30 15.61
CA ASP B 207 33.54 -10.96 15.15
C ASP B 207 33.09 -10.65 13.73
N GLN B 208 33.14 -11.65 12.85
CA GLN B 208 32.59 -11.50 11.50
C GLN B 208 31.06 -11.28 11.47
N ALA B 209 30.28 -11.98 12.28
CA ALA B 209 28.80 -11.78 12.31
C ALA B 209 28.44 -10.47 12.97
N CYS B 210 29.35 -9.98 13.79
CA CYS B 210 29.04 -8.91 14.74
C CYS B 210 29.43 -7.47 14.40
N ALA B 211 30.26 -7.25 13.39
CA ALA B 211 30.64 -5.89 12.97
C ALA B 211 29.52 -5.09 12.23
N GLY B 218 22.76 -4.53 18.76
CA GLY B 218 23.54 -5.35 19.71
C GLY B 218 23.96 -6.71 19.15
N ARG B 219 24.64 -7.51 19.97
CA ARG B 219 25.36 -8.67 19.47
C ARG B 219 24.49 -9.88 19.17
N LYS B 220 23.50 -10.13 20.02
CA LYS B 220 22.61 -11.28 19.82
C LYS B 220 21.68 -11.01 18.68
N ILE B 221 21.31 -9.74 18.49
CA ILE B 221 20.41 -9.44 17.37
C ILE B 221 21.21 -9.51 16.04
N SER B 222 22.51 -9.22 16.12
CA SER B 222 23.41 -9.41 14.96
C SER B 222 23.32 -10.82 14.45
N VAL B 223 23.46 -11.78 15.36
CA VAL B 223 23.50 -13.16 14.96
C VAL B 223 22.13 -13.64 14.40
N ASP B 224 21.04 -13.17 15.02
CA ASP B 224 19.69 -13.52 14.59
C ASP B 224 19.36 -13.02 13.21
N SER B 225 19.99 -11.90 12.85
CA SER B 225 19.80 -11.37 11.54
C SER B 225 20.72 -12.02 10.50
N ALA B 226 21.86 -12.59 10.90
CA ALA B 226 22.69 -13.36 9.99
C ALA B 226 22.13 -14.76 9.76
N THR B 227 21.50 -15.35 10.77
CA THR B 227 20.90 -16.67 10.57
C THR B 227 19.51 -16.55 9.97
N MET B 228 18.98 -15.33 9.94
CA MET B 228 17.55 -15.09 9.63
C MET B 228 16.57 -15.61 10.68
N MET B 229 17.07 -15.85 11.88
CA MET B 229 16.20 -16.25 12.99
C MET B 229 15.24 -15.08 13.31
N ASN B 230 15.78 -13.89 13.19
CA ASN B 230 14.99 -12.70 13.38
C ASN B 230 13.77 -12.69 12.40
N LYS B 231 14.01 -13.02 11.15
CA LYS B 231 12.93 -13.15 10.17
C LYS B 231 11.98 -14.28 10.51
N GLY B 232 12.52 -15.47 10.86
CA GLY B 232 11.74 -16.60 11.41
C GLY B 232 10.84 -16.22 12.59
N LEU B 233 11.35 -15.52 13.59
CA LEU B 233 10.49 -14.97 14.65
C LEU B 233 9.47 -13.97 14.14
N GLU B 234 9.87 -13.00 13.34
CA GLU B 234 8.88 -12.14 12.69
C GLU B 234 7.80 -12.95 11.89
N TYR B 235 8.19 -14.08 11.28
CA TYR B 235 7.24 -14.90 10.55
C TYR B 235 6.14 -15.47 11.44
N ILE B 236 6.56 -16.06 12.56
CA ILE B 236 5.65 -16.68 13.50
C ILE B 236 4.75 -15.62 14.14
N GLU B 237 5.33 -14.50 14.57
CA GLU B 237 4.45 -13.43 15.14
C GLU B 237 3.42 -12.97 14.10
N ALA B 238 3.84 -12.92 12.84
CA ALA B 238 2.99 -12.46 11.74
C ALA B 238 1.81 -13.40 11.41
N ARG B 239 2.03 -14.70 11.45
CA ARG B 239 0.92 -15.64 11.29
C ARG B 239 -0.14 -15.40 12.36
N TRP B 240 0.25 -15.04 13.59
CA TRP B 240 -0.70 -14.75 14.69
C TRP B 240 -1.32 -13.34 14.60
N LEU B 241 -0.45 -12.34 14.45
CA LEU B 241 -0.86 -10.95 14.35
C LEU B 241 -1.88 -10.73 13.22
N PHE B 242 -1.63 -11.33 12.05
CA PHE B 242 -2.49 -11.05 10.90
C PHE B 242 -3.49 -12.10 10.57
N ASN B 243 -3.59 -13.14 11.40
CA ASN B 243 -4.47 -14.28 11.18
C ASN B 243 -4.18 -14.99 9.86
N ALA B 244 -2.89 -15.22 9.58
CA ALA B 244 -2.49 -15.87 8.33
C ALA B 244 -2.06 -17.33 8.47
N SER B 245 -2.46 -18.15 7.51
CA SER B 245 -2.03 -19.52 7.43
C SER B 245 -0.65 -19.51 6.78
N ALA B 246 -0.05 -20.68 6.65
CA ALA B 246 1.22 -20.82 5.97
C ALA B 246 1.15 -20.38 4.52
N GLU B 247 0.05 -20.67 3.84
CA GLU B 247 -0.08 -20.25 2.42
C GLU B 247 -0.36 -18.76 2.19
N GLN B 248 -0.58 -18.02 3.28
CA GLN B 248 -0.94 -16.61 3.19
C GLN B 248 0.26 -15.79 3.62
N ILE B 249 1.43 -16.38 3.62
CA ILE B 249 2.59 -15.54 3.83
C ILE B 249 3.76 -16.08 3.07
N GLU B 250 4.60 -15.21 2.50
CA GLU B 250 5.92 -15.68 2.00
C GLU B 250 6.96 -14.66 2.41
N VAL B 251 8.21 -15.05 2.22
CA VAL B 251 9.33 -14.25 2.71
C VAL B 251 10.11 -13.94 1.49
N VAL B 252 10.39 -12.66 1.27
CA VAL B 252 11.17 -12.29 0.10
C VAL B 252 12.43 -11.51 0.60
N LEU B 253 13.58 -11.78 0.01
CA LEU B 253 14.81 -11.02 0.36
C LEU B 253 14.79 -9.70 -0.38
N HIS B 254 15.17 -8.63 0.29
CA HIS B 254 15.27 -7.35 -0.37
C HIS B 254 16.47 -6.60 0.25
N PRO B 255 17.63 -6.68 -0.42
CA PRO B 255 18.87 -6.25 0.19
C PRO B 255 18.91 -4.80 0.68
N GLN B 256 18.26 -3.89 -0.05
CA GLN B 256 18.39 -2.46 0.20
C GLN B 256 17.50 -1.94 1.31
N SER B 257 16.51 -2.70 1.71
CA SER B 257 15.61 -2.32 2.82
C SER B 257 14.93 -1.01 2.56
N VAL B 258 14.56 -0.79 1.29
CA VAL B 258 13.72 0.32 0.94
C VAL B 258 12.24 -0.07 1.15
N ILE B 259 11.76 -1.17 0.53
CA ILE B 259 10.44 -1.69 0.90
C ILE B 259 10.60 -2.36 2.25
N HIS B 260 9.66 -2.10 3.16
CA HIS B 260 9.61 -2.73 4.46
C HIS B 260 8.80 -3.98 4.56
N SER B 261 7.86 -4.16 3.63
CA SER B 261 7.01 -5.35 3.50
C SER B 261 5.83 -4.97 2.63
N MET B 262 5.03 -5.96 2.23
CA MET B 262 4.06 -5.82 1.14
C MET B 262 2.91 -6.75 1.38
N VAL B 263 1.89 -6.55 0.56
CA VAL B 263 0.64 -7.36 0.65
C VAL B 263 0.09 -7.58 -0.74
N ARG B 264 -0.10 -8.84 -1.15
CA ARG B 264 -0.74 -9.17 -2.44
C ARG B 264 -2.21 -9.27 -2.18
N TYR B 265 -2.99 -8.77 -3.14
CA TYR B 265 -4.43 -8.92 -3.12
C TYR B 265 -4.90 -9.86 -4.19
N HIS B 266 -6.15 -10.31 -4.11
CA HIS B 266 -6.72 -11.25 -5.11
C HIS B 266 -6.59 -10.89 -6.60
N ASP B 267 -6.87 -9.64 -6.97
CA ASP B 267 -6.81 -9.21 -8.35
C ASP B 267 -5.39 -9.09 -8.91
N GLY B 268 -4.36 -9.33 -8.12
CA GLY B 268 -2.97 -9.05 -8.55
C GLY B 268 -2.28 -7.88 -7.82
N SER B 269 -3.03 -7.00 -7.19
CA SER B 269 -2.40 -5.75 -6.70
C SER B 269 -1.44 -6.10 -5.57
N ILE B 270 -0.31 -5.42 -5.50
CA ILE B 270 0.58 -5.54 -4.36
C ILE B 270 0.75 -4.14 -3.83
N LEU B 271 0.39 -3.93 -2.57
CA LEU B 271 0.69 -2.70 -1.88
C LEU B 271 1.96 -2.85 -0.99
N ALA B 272 2.86 -1.86 -1.07
CA ALA B 272 4.11 -1.94 -0.35
C ALA B 272 4.36 -0.62 0.37
N GLN B 273 5.04 -0.67 1.52
CA GLN B 273 5.35 0.52 2.29
C GLN B 273 6.89 0.74 2.23
N MET B 274 7.33 1.96 1.92
CA MET B 274 8.72 2.31 1.80
C MET B 274 9.01 3.49 2.67
N GLY B 275 10.28 3.76 2.91
CA GLY B 275 10.63 4.88 3.76
C GLY B 275 12.08 4.72 4.22
N THR B 276 12.69 5.82 4.67
CA THR B 276 14.06 5.74 5.18
C THR B 276 13.96 5.02 6.54
N PRO B 277 14.89 4.11 6.84
CA PRO B 277 14.87 3.33 8.08
C PRO B 277 14.95 4.24 9.29
N ASP B 278 13.91 4.23 10.10
CA ASP B 278 13.97 4.93 11.36
C ASP B 278 12.94 4.37 12.31
N MET B 279 13.47 3.93 13.44
CA MET B 279 12.75 3.34 14.54
C MET B 279 11.47 4.08 14.88
N ARG B 280 11.54 5.42 14.93
CA ARG B 280 10.44 6.27 15.39
C ARG B 280 9.27 6.29 14.44
N THR B 281 9.54 6.15 13.16
CA THR B 281 8.48 6.30 12.19
C THR B 281 7.32 5.31 12.46
N PRO B 282 7.58 4.00 12.55
CA PRO B 282 6.41 3.15 12.75
C PRO B 282 5.77 3.31 14.13
N ILE B 283 6.54 3.75 15.11
CA ILE B 283 6.00 3.95 16.43
C ILE B 283 4.99 5.08 16.32
N ALA B 284 5.44 6.17 15.69
CA ALA B 284 4.65 7.40 15.48
C ALA B 284 3.43 7.12 14.61
N HIS B 285 3.58 6.27 13.60
CA HIS B 285 2.44 5.85 12.79
C HIS B 285 1.42 5.20 13.69
N ALA B 286 1.88 4.31 14.56
CA ALA B 286 1.01 3.50 15.39
C ALA B 286 0.29 4.39 16.37
N MET B 287 1.03 5.29 17.02
CA MET B 287 0.45 6.11 18.04
C MET B 287 -0.55 7.12 17.48
N ALA B 288 -0.28 7.63 16.29
CA ALA B 288 -1.11 8.69 15.75
C ALA B 288 -2.31 8.13 15.00
N TYR B 289 -2.17 6.90 14.53
CA TYR B 289 -3.14 6.25 13.67
C TYR B 289 -4.57 6.67 14.06
N PRO B 290 -5.46 6.94 13.08
CA PRO B 290 -5.23 6.98 11.63
C PRO B 290 -4.69 8.31 11.07
N MET B 291 -4.40 9.27 11.95
CA MET B 291 -3.66 10.51 11.65
CA MET B 291 -3.72 10.48 11.48
C MET B 291 -2.21 10.18 11.30
N ARG B 292 -1.45 11.15 10.82
CA ARG B 292 0.01 11.03 10.73
C ARG B 292 0.67 12.27 11.33
N VAL B 293 1.86 12.14 11.91
CA VAL B 293 2.60 13.32 12.38
C VAL B 293 3.99 13.31 11.78
N SER B 294 4.74 14.38 11.97
CA SER B 294 5.99 14.48 11.24
C SER B 294 7.13 13.59 11.78
N SER B 295 8.02 13.21 10.87
CA SER B 295 9.27 12.52 11.21
C SER B 295 10.42 13.51 11.58
N GLY B 296 11.54 12.97 12.04
CA GLY B 296 12.75 13.77 12.08
C GLY B 296 13.45 13.71 10.72
N VAL B 297 13.54 12.49 10.18
CA VAL B 297 14.45 12.19 9.06
C VAL B 297 14.03 12.82 7.72
N ALA B 298 15.00 13.08 6.84
CA ALA B 298 14.75 13.64 5.51
C ALA B 298 13.96 12.60 4.72
N PRO B 299 12.99 13.06 3.91
CA PRO B 299 12.12 12.08 3.24
C PRO B 299 12.90 11.25 2.19
N LEU B 300 12.53 9.99 2.02
CA LEU B 300 13.28 9.11 1.15
C LEU B 300 13.36 9.71 -0.23
N ASP B 301 14.57 9.74 -0.79
CA ASP B 301 14.79 10.34 -2.06
C ASP B 301 15.14 9.27 -3.10
N PHE B 302 14.32 9.18 -4.15
CA PHE B 302 14.38 8.04 -5.06
C PHE B 302 15.56 8.09 -6.01
N CYS B 303 16.17 9.26 -6.11
CA CYS B 303 17.39 9.43 -6.90
C CYS B 303 18.62 9.04 -6.14
N LYS B 304 18.44 8.60 -4.90
CA LYS B 304 19.55 8.34 -4.02
C LYS B 304 19.46 6.98 -3.40
N VAL B 305 18.39 6.26 -3.70
CA VAL B 305 18.34 4.87 -3.32
C VAL B 305 19.12 4.12 -4.40
N GLY B 306 19.76 2.99 -4.07
CA GLY B 306 20.39 2.17 -5.11
C GLY B 306 19.23 1.54 -5.84
N ALA B 307 19.51 0.84 -6.93
CA ALA B 307 18.50 -0.03 -7.54
C ALA B 307 17.92 -0.98 -6.49
N LEU B 308 16.66 -1.34 -6.63
CA LEU B 308 16.01 -2.22 -5.68
C LEU B 308 15.95 -3.59 -6.26
N THR B 309 16.35 -4.59 -5.46
CA THR B 309 16.33 -5.97 -5.97
C THR B 309 15.64 -6.92 -5.01
N PHE B 310 15.37 -8.11 -5.50
CA PHE B 310 14.61 -9.12 -4.73
C PHE B 310 15.08 -10.51 -5.03
N THR B 311 15.14 -11.35 -3.99
CA THR B 311 15.21 -12.81 -4.18
C THR B 311 14.36 -13.59 -3.21
N THR B 312 14.40 -14.88 -3.45
CA THR B 312 13.70 -15.84 -2.64
C THR B 312 14.75 -16.40 -1.66
N PRO B 313 14.42 -16.54 -0.35
CA PRO B 313 15.50 -17.09 0.49
C PRO B 313 15.75 -18.59 0.23
N ASP B 314 17.01 -18.97 0.10
CA ASP B 314 17.39 -20.38 -0.12
C ASP B 314 17.55 -21.05 1.26
N TYR B 315 16.81 -22.13 1.50
CA TYR B 315 16.87 -22.83 2.79
C TYR B 315 18.24 -23.42 3.17
N GLN B 316 19.02 -23.83 2.16
CA GLN B 316 20.41 -24.18 2.33
C GLN B 316 21.23 -23.03 2.97
N ARG B 317 20.88 -21.80 2.69
CA ARG B 317 21.65 -20.67 3.16
C ARG B 317 21.07 -20.19 4.46
N TYR B 318 19.74 -20.27 4.58
CA TYR B 318 19.02 -19.88 5.80
C TYR B 318 18.16 -21.02 6.39
N PRO B 319 18.84 -22.07 6.93
CA PRO B 319 18.01 -23.18 7.44
C PRO B 319 17.13 -22.86 8.69
N CYS B 320 17.55 -21.90 9.52
CA CYS B 320 16.71 -21.39 10.60
C CYS B 320 15.36 -20.85 10.15
N LEU B 321 15.32 -20.25 8.97
CA LEU B 321 14.07 -19.78 8.48
C LEU B 321 13.08 -20.95 8.31
N LYS B 322 13.57 -21.99 7.64
CA LYS B 322 12.78 -23.17 7.37
C LYS B 322 12.32 -23.74 8.69
N LEU B 323 13.25 -23.75 9.65
CA LEU B 323 13.02 -24.32 10.96
C LEU B 323 11.90 -23.55 11.68
N ALA B 324 11.88 -22.23 11.51
CA ALA B 324 10.87 -21.44 12.19
C ALA B 324 9.53 -21.67 11.56
N ILE B 325 9.51 -21.87 10.24
CA ILE B 325 8.23 -22.21 9.57
C ILE B 325 7.73 -23.55 10.03
N ASP B 326 8.63 -24.55 10.04
CA ASP B 326 8.28 -25.87 10.53
C ASP B 326 7.79 -25.75 11.97
N ALA B 327 8.51 -25.00 12.79
CA ALA B 327 8.10 -24.91 14.18
C ALA B 327 6.73 -24.31 14.23
N CYS B 328 6.49 -23.28 13.42
CA CYS B 328 5.19 -22.64 13.42
C CYS B 328 4.03 -23.60 13.17
N ASN B 329 4.20 -24.41 12.12
CA ASN B 329 3.20 -25.41 11.70
C ASN B 329 3.12 -26.48 12.73
N ALA B 330 4.23 -26.67 13.49
CA ALA B 330 4.13 -27.64 14.56
C ALA B 330 3.40 -27.14 15.81
N GLY B 331 3.30 -25.86 16.09
CA GLY B 331 2.53 -25.48 17.26
C GLY B 331 3.32 -24.57 18.17
N GLN B 332 2.62 -24.06 19.18
CA GLN B 332 3.19 -23.09 20.09
C GLN B 332 4.29 -23.67 21.02
N ALA B 333 4.15 -24.91 21.45
CA ALA B 333 5.24 -25.52 22.22
C ALA B 333 6.52 -25.56 21.38
N ALA B 334 6.39 -25.78 20.08
CA ALA B 334 7.55 -25.83 19.20
C ALA B 334 8.20 -24.47 19.04
N THR B 335 7.41 -23.43 18.91
CA THR B 335 7.98 -22.10 18.70
C THR B 335 8.51 -21.55 20.03
N THR B 336 7.83 -21.87 21.14
CA THR B 336 8.39 -21.44 22.44
C THR B 336 9.80 -22.04 22.57
N ALA B 337 9.91 -23.29 22.16
CA ALA B 337 11.11 -24.06 22.42
C ALA B 337 12.20 -23.56 21.52
N LEU B 338 11.80 -23.31 20.29
CA LEU B 338 12.75 -22.79 19.31
C LEU B 338 13.33 -21.43 19.74
N ASN B 339 12.45 -20.60 20.26
CA ASN B 339 12.87 -19.29 20.68
C ASN B 339 13.91 -19.42 21.79
N ALA B 340 13.57 -20.18 22.84
CA ALA B 340 14.50 -20.47 23.98
C ALA B 340 15.83 -21.18 23.55
N ALA B 341 15.67 -22.17 22.68
CA ALA B 341 16.80 -22.90 22.22
C ALA B 341 17.76 -21.95 21.51
N ASN B 342 17.16 -21.11 20.66
CA ASN B 342 17.97 -20.17 19.90
C ASN B 342 18.75 -19.19 20.77
N GLU B 343 18.12 -18.67 21.80
CA GLU B 343 18.89 -17.80 22.68
C GLU B 343 20.15 -18.48 23.19
N ILE B 344 20.03 -19.76 23.53
CA ILE B 344 21.16 -20.47 24.12
C ILE B 344 22.25 -20.66 23.05
N SER B 345 21.80 -21.13 21.89
CA SER B 345 22.66 -21.36 20.72
C SER B 345 23.47 -20.16 20.36
N VAL B 346 22.80 -19.01 20.37
CA VAL B 346 23.45 -17.82 19.93
C VAL B 346 24.59 -17.47 20.94
N MET B 347 24.28 -17.45 22.25
CA MET B 347 25.31 -17.13 23.23
C MET B 347 26.44 -18.12 23.06
N ALA B 348 26.12 -19.41 22.90
CA ALA B 348 27.15 -20.44 22.76
C ALA B 348 28.07 -20.17 21.56
N PHE B 349 27.47 -19.72 20.45
CA PHE B 349 28.25 -19.25 19.30
C PHE B 349 29.13 -18.02 19.62
N LEU B 350 28.53 -17.00 20.25
CA LEU B 350 29.26 -15.80 20.66
C LEU B 350 30.37 -16.10 21.64
N ASP B 351 30.22 -17.18 22.43
CA ASP B 351 31.24 -17.63 23.39
C ASP B 351 32.16 -18.69 22.78
N SER B 352 32.21 -18.70 21.45
CA SER B 352 33.13 -19.51 20.66
C SER B 352 33.02 -20.99 20.96
N LYS B 353 31.88 -21.44 21.48
CA LYS B 353 31.75 -22.82 21.93
C LYS B 353 31.29 -23.69 20.79
N ILE B 354 30.52 -23.13 19.88
CA ILE B 354 30.01 -23.91 18.76
C ILE B 354 30.27 -23.17 17.49
N ARG B 355 30.18 -23.86 16.36
CA ARG B 355 30.30 -23.17 15.08
C ARG B 355 29.00 -22.46 14.66
N PHE B 356 29.16 -21.51 13.74
CA PHE B 356 28.02 -20.72 13.25
C PHE B 356 26.90 -21.63 12.72
N THR B 357 27.36 -22.65 12.01
CA THR B 357 26.51 -23.60 11.41
C THR B 357 25.89 -24.58 12.42
N ASP B 358 26.43 -24.63 13.63
CA ASP B 358 25.84 -25.48 14.71
C ASP B 358 24.51 -24.93 15.27
N ILE B 359 24.24 -23.64 15.06
CA ILE B 359 23.01 -23.01 15.61
C ILE B 359 21.70 -23.69 15.15
N GLU B 360 21.56 -23.89 13.83
CA GLU B 360 20.37 -24.50 13.28
CA GLU B 360 20.34 -24.51 13.31
C GLU B 360 20.25 -25.93 13.82
N VAL B 361 21.39 -26.61 13.90
CA VAL B 361 21.41 -27.99 14.30
C VAL B 361 20.93 -28.16 15.75
N ILE B 362 21.57 -27.44 16.66
CA ILE B 362 21.10 -27.37 18.01
C ILE B 362 19.63 -27.01 18.06
N ASN B 363 19.22 -25.97 17.35
CA ASN B 363 17.81 -25.50 17.38
C ASN B 363 16.87 -26.57 16.89
N ARG B 364 17.28 -27.26 15.82
CA ARG B 364 16.42 -28.28 15.23
C ARG B 364 16.29 -29.49 16.20
N THR B 365 17.41 -29.86 16.79
CA THR B 365 17.41 -30.93 17.77
C THR B 365 16.37 -30.68 18.85
N VAL B 366 16.41 -29.50 19.46
CA VAL B 366 15.48 -29.13 20.49
C VAL B 366 14.03 -29.17 19.94
N VAL B 367 13.78 -28.50 18.81
CA VAL B 367 12.44 -28.44 18.29
C VAL B 367 11.93 -29.85 18.01
N GLU B 368 12.73 -30.69 17.37
CA GLU B 368 12.28 -32.02 16.99
C GLU B 368 12.27 -33.05 18.13
N GLY B 369 12.92 -32.68 19.25
CA GLY B 369 12.91 -33.55 20.44
C GLY B 369 11.64 -33.34 21.26
N LEU B 370 10.74 -32.50 20.75
CA LEU B 370 9.66 -31.97 21.54
C LEU B 370 8.55 -32.97 21.65
N LEU B 371 7.96 -33.01 22.82
CA LEU B 371 6.73 -33.79 23.02
C LEU B 371 5.96 -33.20 24.20
N LEU B 372 5.92 -31.88 24.35
CA LEU B 372 5.09 -31.25 25.43
C LEU B 372 3.75 -30.76 24.88
N SER B 373 2.75 -30.60 25.73
CA SER B 373 1.46 -29.97 25.37
C SER B 373 1.64 -28.55 24.91
N GLU B 374 0.70 -28.09 24.06
CA GLU B 374 0.49 -26.67 23.78
C GLU B 374 0.33 -25.87 25.07
N PRO B 375 1.13 -24.80 25.23
CA PRO B 375 0.90 -23.96 26.42
C PRO B 375 -0.37 -23.14 26.27
N THR B 376 -1.03 -22.81 27.38
CA THR B 376 -2.28 -22.08 27.34
C THR B 376 -2.23 -21.02 28.41
N SER B 377 -1.06 -20.82 29.02
CA SER B 377 -0.85 -19.65 29.84
C SER B 377 0.60 -19.24 29.87
N VAL B 378 0.87 -18.13 30.51
CA VAL B 378 2.29 -17.72 30.74
C VAL B 378 3.11 -18.77 31.49
N GLU B 379 2.53 -19.32 32.56
CA GLU B 379 3.13 -20.35 33.39
C GLU B 379 3.57 -21.57 32.60
N GLU B 380 2.71 -22.09 31.73
CA GLU B 380 3.13 -23.21 30.90
C GLU B 380 4.20 -22.84 29.88
N VAL B 381 4.17 -21.62 29.38
CA VAL B 381 5.22 -21.14 28.46
C VAL B 381 6.55 -21.15 29.19
N LEU B 382 6.53 -20.62 30.44
CA LEU B 382 7.76 -20.56 31.24
C LEU B 382 8.39 -21.93 31.41
N VAL B 383 7.53 -22.93 31.63
CA VAL B 383 7.98 -24.32 31.87
C VAL B 383 8.74 -24.78 30.62
N ILE B 384 8.08 -24.65 29.46
CA ILE B 384 8.67 -25.07 28.19
C ILE B 384 9.94 -24.28 27.90
N ASP B 385 9.87 -22.97 28.08
CA ASP B 385 11.06 -22.17 27.87
C ASP B 385 12.25 -22.72 28.70
N ARG B 386 12.03 -22.95 29.98
CA ARG B 386 13.14 -23.45 30.81
C ARG B 386 13.64 -24.83 30.39
N LYS B 387 12.72 -25.72 30.00
CA LYS B 387 13.12 -27.08 29.61
C LYS B 387 14.01 -27.04 28.38
N ALA B 388 13.61 -26.18 27.44
CA ALA B 388 14.28 -26.01 26.17
C ALA B 388 15.69 -25.43 26.29
N ARG B 389 15.85 -24.47 27.21
CA ARG B 389 17.19 -23.96 27.55
C ARG B 389 18.05 -25.11 28.11
N ASP B 390 17.47 -25.89 29.01
CA ASP B 390 18.24 -27.04 29.50
C ASP B 390 18.67 -27.99 28.42
N VAL B 391 17.78 -28.36 27.52
CA VAL B 391 18.10 -29.39 26.59
C VAL B 391 19.14 -28.78 25.65
N ALA B 392 18.92 -27.51 25.27
CA ALA B 392 19.83 -26.83 24.38
C ALA B 392 21.25 -26.80 24.95
N ALA B 393 21.35 -26.38 26.21
CA ALA B 393 22.62 -26.37 26.94
C ALA B 393 23.21 -27.77 27.00
N GLN B 394 22.38 -28.76 27.32
CA GLN B 394 22.86 -30.14 27.26
C GLN B 394 23.43 -30.41 25.86
N VAL B 395 22.69 -30.08 24.82
CA VAL B 395 23.11 -30.51 23.48
C VAL B 395 24.38 -29.84 23.07
N ILE B 396 24.60 -28.66 23.63
CA ILE B 396 25.82 -27.93 23.36
C ILE B 396 27.02 -28.66 23.99
N ALA B 397 27.07 -28.71 25.32
CA ALA B 397 28.09 -29.45 26.06
C ALA B 397 28.60 -30.71 25.33
N LYS B 398 27.70 -31.44 24.67
CA LYS B 398 28.00 -32.78 24.14
C LYS B 398 28.47 -32.83 22.69
N LEU B 399 29.44 -31.99 22.33
CA LEU B 399 30.05 -32.04 21.00
C LEU B 399 31.35 -31.26 20.92
MG MG C . -1.19 5.23 -17.98
MG MG D . -29.34 -5.29 -8.56
MG MG E . 12.20 -6.18 12.24
C1 EDO F . -3.53 2.42 41.24
O1 EDO F . -4.58 3.06 40.48
C2 EDO F . -3.31 0.99 40.72
O2 EDO F . -2.04 0.47 41.18
#